data_8P91
# 
_entry.id   8P91 
# 
_audit_conform.dict_name       mmcif_pdbx.dic 
_audit_conform.dict_version    5.387 
_audit_conform.dict_location   http://mmcif.pdb.org/dictionaries/ascii/mmcif_pdbx.dic 
# 
loop_
_database_2.database_id 
_database_2.database_code 
_database_2.pdbx_database_accession 
_database_2.pdbx_DOI 
PDB   8P91         pdb_00008p91 10.2210/pdb8p91/pdb 
WWPDB D_1292130924 ?            ?                   
# 
loop_
_pdbx_audit_revision_history.ordinal 
_pdbx_audit_revision_history.data_content_type 
_pdbx_audit_revision_history.major_revision 
_pdbx_audit_revision_history.minor_revision 
_pdbx_audit_revision_history.revision_date 
1 'Structure model' 1 0 2023-07-26 
2 'Structure model' 1 1 2024-02-07 
3 'Structure model' 1 2 2024-03-13 
# 
_pdbx_audit_revision_details.ordinal             1 
_pdbx_audit_revision_details.revision_ordinal    1 
_pdbx_audit_revision_details.data_content_type   'Structure model' 
_pdbx_audit_revision_details.provider            repository 
_pdbx_audit_revision_details.type                'Initial release' 
_pdbx_audit_revision_details.description         ? 
_pdbx_audit_revision_details.details             ? 
# 
loop_
_pdbx_audit_revision_group.ordinal 
_pdbx_audit_revision_group.revision_ordinal 
_pdbx_audit_revision_group.data_content_type 
_pdbx_audit_revision_group.group 
1 2 'Structure model' 'Data collection'        
2 2 'Structure model' 'Refinement description' 
3 3 'Structure model' 'Database references'    
# 
loop_
_pdbx_audit_revision_category.ordinal 
_pdbx_audit_revision_category.revision_ordinal 
_pdbx_audit_revision_category.data_content_type 
_pdbx_audit_revision_category.category 
1 2 'Structure model' chem_comp_atom                
2 2 'Structure model' chem_comp_bond                
3 2 'Structure model' pdbx_initial_refinement_model 
4 3 'Structure model' citation                      
# 
loop_
_pdbx_audit_revision_item.ordinal 
_pdbx_audit_revision_item.revision_ordinal 
_pdbx_audit_revision_item.data_content_type 
_pdbx_audit_revision_item.item 
1 2 'Structure model' '_pdbx_initial_refinement_model.entity_id_list' 
2 3 'Structure model' '_citation.country'                             
3 3 'Structure model' '_citation.journal_abbrev'                      
4 3 'Structure model' '_citation.journal_id_ASTM'                     
5 3 'Structure model' '_citation.journal_id_CSD'                      
6 3 'Structure model' '_citation.journal_id_ISSN'                     
7 3 'Structure model' '_citation.pdbx_database_id_DOI'                
# 
_pdbx_database_status.status_code                     REL 
_pdbx_database_status.status_code_sf                  REL 
_pdbx_database_status.status_code_mr                  ? 
_pdbx_database_status.entry_id                        8P91 
_pdbx_database_status.recvd_initial_deposition_date   2023-06-05 
_pdbx_database_status.SG_entry                        N 
_pdbx_database_status.deposit_site                    PDBE 
_pdbx_database_status.process_site                    PDBE 
_pdbx_database_status.status_code_cs                  ? 
_pdbx_database_status.status_code_nmr_data            ? 
_pdbx_database_status.methods_development_category    ? 
_pdbx_database_status.pdb_format_compatible           Y 
# 
_pdbx_contact_author.id                 2 
_pdbx_contact_author.email              nikulin@vega.protres.ru 
_pdbx_contact_author.name_first         Alexey 
_pdbx_contact_author.name_last          Nikulin 
_pdbx_contact_author.name_mi            D 
_pdbx_contact_author.role               'principal investigator/group leader' 
_pdbx_contact_author.identifier_ORCID   0000-0001-5391-6184 
# 
loop_
_audit_author.name 
_audit_author.pdbx_ordinal 
_audit_author.identifier_ORCID 
'Nikulin, A.D.'    1 0000-0001-5391-6184 
'Lekontseva, N.V.' 2 0000-0003-2185-0576 
# 
_citation.abstract                  ? 
_citation.abstract_id_CAS           ? 
_citation.book_id_ISBN              ? 
_citation.book_publisher            ? 
_citation.book_publisher_city       ? 
_citation.book_title                ? 
_citation.coordinate_linkage        ? 
_citation.country                   RU 
_citation.database_id_Medline       ? 
_citation.details                   ? 
_citation.id                        primary 
_citation.journal_abbrev            'Crystallography Reports' 
_citation.journal_id_ASTM           CYSTE3 
_citation.journal_id_CSD            ? 
_citation.journal_id_ISSN           1063-7745 
_citation.journal_full              ? 
_citation.journal_issue             ? 
_citation.journal_volume            ? 
_citation.language                  ? 
_citation.page_first                ? 
_citation.page_last                 ? 
_citation.title                     'Hfq from Chromobacterium haemolyticum' 
_citation.year                      ? 
_citation.database_id_CSD           ? 
_citation.pdbx_database_id_DOI      10.1134/S1063774523600928 
_citation.pdbx_database_id_PubMed   ? 
_citation.pdbx_database_id_patent   ? 
_citation.unpublished_flag          ? 
# 
loop_
_citation_author.citation_id 
_citation_author.name 
_citation_author.ordinal 
_citation_author.identifier_ORCID 
primary 'Nikulin, A.D.'    1 0000-0001-5391-6184 
primary 'Lekontseva, N.V.' 2 0000-0003-2185-0576 
# 
loop_
_entity.id 
_entity.type 
_entity.src_method 
_entity.pdbx_description 
_entity.formula_weight 
_entity.pdbx_number_of_molecules 
_entity.pdbx_ec 
_entity.pdbx_mutation 
_entity.pdbx_fragment 
_entity.details 
1 polymer man 'RNA-binding protein Hfq' 9690.183 1   ? ? ? ? 
2 water   nat water                     18.015   111 ? ? ? ? 
# 
_entity_poly.entity_id                      1 
_entity_poly.type                           'polypeptide(L)' 
_entity_poly.nstd_linkage                   no 
_entity_poly.nstd_monomer                   no 
_entity_poly.pdbx_seq_one_letter_code       
;MSSKGQMLQDPFLNILRKEHVPVSIYLVNGIKLQGQVESFDQYVVLLKNTVTQMVYKHAISTVVPARPVNLPHEHPVQKQ
EQQDA
;
_entity_poly.pdbx_seq_one_letter_code_can   
;MSSKGQMLQDPFLNILRKEHVPVSIYLVNGIKLQGQVESFDQYVVLLKNTVTQMVYKHAISTVVPARPVNLPHEHPVQKQ
EQQDA
;
_entity_poly.pdbx_strand_id                 A 
_entity_poly.pdbx_target_identifier         ? 
# 
_pdbx_entity_nonpoly.entity_id   2 
_pdbx_entity_nonpoly.name        water 
_pdbx_entity_nonpoly.comp_id     HOH 
# 
loop_
_entity_poly_seq.entity_id 
_entity_poly_seq.num 
_entity_poly_seq.mon_id 
_entity_poly_seq.hetero 
1 1  MET n 
1 2  SER n 
1 3  SER n 
1 4  LYS n 
1 5  GLY n 
1 6  GLN n 
1 7  MET n 
1 8  LEU n 
1 9  GLN n 
1 10 ASP n 
1 11 PRO n 
1 12 PHE n 
1 13 LEU n 
1 14 ASN n 
1 15 ILE n 
1 16 LEU n 
1 17 ARG n 
1 18 LYS n 
1 19 GLU n 
1 20 HIS n 
1 21 VAL n 
1 22 PRO n 
1 23 VAL n 
1 24 SER n 
1 25 ILE n 
1 26 TYR n 
1 27 LEU n 
1 28 VAL n 
1 29 ASN n 
1 30 GLY n 
1 31 ILE n 
1 32 LYS n 
1 33 LEU n 
1 34 GLN n 
1 35 GLY n 
1 36 GLN n 
1 37 VAL n 
1 38 GLU n 
1 39 SER n 
1 40 PHE n 
1 41 ASP n 
1 42 GLN n 
1 43 TYR n 
1 44 VAL n 
1 45 VAL n 
1 46 LEU n 
1 47 LEU n 
1 48 LYS n 
1 49 ASN n 
1 50 THR n 
1 51 VAL n 
1 52 THR n 
1 53 GLN n 
1 54 MET n 
1 55 VAL n 
1 56 TYR n 
1 57 LYS n 
1 58 HIS n 
1 59 ALA n 
1 60 ILE n 
1 61 SER n 
1 62 THR n 
1 63 VAL n 
1 64 VAL n 
1 65 PRO n 
1 66 ALA n 
1 67 ARG n 
1 68 PRO n 
1 69 VAL n 
1 70 ASN n 
1 71 LEU n 
1 72 PRO n 
1 73 HIS n 
1 74 GLU n 
1 75 HIS n 
1 76 PRO n 
1 77 VAL n 
1 78 GLN n 
1 79 LYS n 
1 80 GLN n 
1 81 GLU n 
1 82 GLN n 
1 83 GLN n 
1 84 ASP n 
1 85 ALA n 
# 
_entity_src_gen.entity_id                          1 
_entity_src_gen.pdbx_src_id                        1 
_entity_src_gen.pdbx_alt_source_flag               sample 
_entity_src_gen.pdbx_seq_type                      'Biological sequence' 
_entity_src_gen.pdbx_beg_seq_num                   1 
_entity_src_gen.pdbx_end_seq_num                   85 
_entity_src_gen.gene_src_common_name               ? 
_entity_src_gen.gene_src_genus                     ? 
_entity_src_gen.pdbx_gene_src_gene                 'hfq, B0T39_13335, B0T45_12055, CH06BL_33310, DBB33_18715' 
_entity_src_gen.gene_src_species                   ? 
_entity_src_gen.gene_src_strain                    ? 
_entity_src_gen.gene_src_tissue                    ? 
_entity_src_gen.gene_src_tissue_fraction           ? 
_entity_src_gen.gene_src_details                   ? 
_entity_src_gen.pdbx_gene_src_fragment             ? 
_entity_src_gen.pdbx_gene_src_scientific_name      'Chromobacterium haemolyticum' 
_entity_src_gen.pdbx_gene_src_ncbi_taxonomy_id     394935 
_entity_src_gen.pdbx_gene_src_variant              ? 
_entity_src_gen.pdbx_gene_src_cell_line            ? 
_entity_src_gen.pdbx_gene_src_atcc                 ? 
_entity_src_gen.pdbx_gene_src_organ                ? 
_entity_src_gen.pdbx_gene_src_organelle            ? 
_entity_src_gen.pdbx_gene_src_cell                 ? 
_entity_src_gen.pdbx_gene_src_cellular_location    ? 
_entity_src_gen.host_org_common_name               ? 
_entity_src_gen.pdbx_host_org_scientific_name      'Escherichia coli BL21(DE3)' 
_entity_src_gen.pdbx_host_org_ncbi_taxonomy_id     469008 
_entity_src_gen.host_org_genus                     ? 
_entity_src_gen.pdbx_host_org_gene                 ? 
_entity_src_gen.pdbx_host_org_organ                ? 
_entity_src_gen.host_org_species                   ? 
_entity_src_gen.pdbx_host_org_tissue               ? 
_entity_src_gen.pdbx_host_org_tissue_fraction      ? 
_entity_src_gen.pdbx_host_org_strain               ? 
_entity_src_gen.pdbx_host_org_variant              'E. coli' 
_entity_src_gen.pdbx_host_org_cell_line            ? 
_entity_src_gen.pdbx_host_org_atcc                 ? 
_entity_src_gen.pdbx_host_org_culture_collection   ? 
_entity_src_gen.pdbx_host_org_cell                 ? 
_entity_src_gen.pdbx_host_org_organelle            ? 
_entity_src_gen.pdbx_host_org_cellular_location    ? 
_entity_src_gen.pdbx_host_org_vector_type          plasmid 
_entity_src_gen.pdbx_host_org_vector               ? 
_entity_src_gen.host_org_details                   ? 
_entity_src_gen.expression_system_id               ? 
_entity_src_gen.plasmid_name                       ? 
_entity_src_gen.plasmid_details                    ? 
_entity_src_gen.pdbx_description                   ? 
# 
loop_
_chem_comp.id 
_chem_comp.type 
_chem_comp.mon_nstd_flag 
_chem_comp.name 
_chem_comp.pdbx_synonyms 
_chem_comp.formula 
_chem_comp.formula_weight 
ALA 'L-peptide linking' y ALANINE         ? 'C3 H7 N O2'     89.093  
ARG 'L-peptide linking' y ARGININE        ? 'C6 H15 N4 O2 1' 175.209 
ASN 'L-peptide linking' y ASPARAGINE      ? 'C4 H8 N2 O3'    132.118 
ASP 'L-peptide linking' y 'ASPARTIC ACID' ? 'C4 H7 N O4'     133.103 
GLN 'L-peptide linking' y GLUTAMINE       ? 'C5 H10 N2 O3'   146.144 
GLU 'L-peptide linking' y 'GLUTAMIC ACID' ? 'C5 H9 N O4'     147.129 
GLY 'peptide linking'   y GLYCINE         ? 'C2 H5 N O2'     75.067  
HIS 'L-peptide linking' y HISTIDINE       ? 'C6 H10 N3 O2 1' 156.162 
HOH non-polymer         . WATER           ? 'H2 O'           18.015  
ILE 'L-peptide linking' y ISOLEUCINE      ? 'C6 H13 N O2'    131.173 
LEU 'L-peptide linking' y LEUCINE         ? 'C6 H13 N O2'    131.173 
LYS 'L-peptide linking' y LYSINE          ? 'C6 H15 N2 O2 1' 147.195 
MET 'L-peptide linking' y METHIONINE      ? 'C5 H11 N O2 S'  149.211 
PHE 'L-peptide linking' y PHENYLALANINE   ? 'C9 H11 N O2'    165.189 
PRO 'L-peptide linking' y PROLINE         ? 'C5 H9 N O2'     115.130 
SER 'L-peptide linking' y SERINE          ? 'C3 H7 N O3'     105.093 
THR 'L-peptide linking' y THREONINE       ? 'C4 H9 N O3'     119.119 
TYR 'L-peptide linking' y TYROSINE        ? 'C9 H11 N O3'    181.189 
VAL 'L-peptide linking' y VALINE          ? 'C5 H11 N O2'    117.146 
# 
loop_
_pdbx_poly_seq_scheme.asym_id 
_pdbx_poly_seq_scheme.entity_id 
_pdbx_poly_seq_scheme.seq_id 
_pdbx_poly_seq_scheme.mon_id 
_pdbx_poly_seq_scheme.ndb_seq_num 
_pdbx_poly_seq_scheme.pdb_seq_num 
_pdbx_poly_seq_scheme.auth_seq_num 
_pdbx_poly_seq_scheme.pdb_mon_id 
_pdbx_poly_seq_scheme.auth_mon_id 
_pdbx_poly_seq_scheme.pdb_strand_id 
_pdbx_poly_seq_scheme.pdb_ins_code 
_pdbx_poly_seq_scheme.hetero 
A 1 1  MET 1  1  ?  ?   ?   A . n 
A 1 2  SER 2  2  ?  ?   ?   A . n 
A 1 3  SER 3  3  ?  ?   ?   A . n 
A 1 4  LYS 4  4  ?  ?   ?   A . n 
A 1 5  GLY 5  5  5  GLY GLY A . n 
A 1 6  GLN 6  6  6  GLN GLN A . n 
A 1 7  MET 7  7  7  MET MET A . n 
A 1 8  LEU 8  8  8  LEU LEU A . n 
A 1 9  GLN 9  9  9  GLN GLN A . n 
A 1 10 ASP 10 10 10 ASP ASP A . n 
A 1 11 PRO 11 11 11 PRO PRO A . n 
A 1 12 PHE 12 12 12 PHE PHE A . n 
A 1 13 LEU 13 13 13 LEU LEU A . n 
A 1 14 ASN 14 14 14 ASN ASN A . n 
A 1 15 ILE 15 15 15 ILE ILE A . n 
A 1 16 LEU 16 16 16 LEU LEU A . n 
A 1 17 ARG 17 17 17 ARG ARG A . n 
A 1 18 LYS 18 18 18 LYS LYS A . n 
A 1 19 GLU 19 19 19 GLU GLU A . n 
A 1 20 HIS 20 20 20 HIS HIS A . n 
A 1 21 VAL 21 21 21 VAL VAL A . n 
A 1 22 PRO 22 22 22 PRO PRO A . n 
A 1 23 VAL 23 23 23 VAL VAL A . n 
A 1 24 SER 24 24 24 SER SER A . n 
A 1 25 ILE 25 25 25 ILE ILE A . n 
A 1 26 TYR 26 26 26 TYR TYR A . n 
A 1 27 LEU 27 27 27 LEU LEU A . n 
A 1 28 VAL 28 28 28 VAL VAL A . n 
A 1 29 ASN 29 29 29 ASN ASN A . n 
A 1 30 GLY 30 30 30 GLY GLY A . n 
A 1 31 ILE 31 31 31 ILE ILE A . n 
A 1 32 LYS 32 32 32 LYS LYS A . n 
A 1 33 LEU 33 33 33 LEU LEU A . n 
A 1 34 GLN 34 34 34 GLN GLN A . n 
A 1 35 GLY 35 35 35 GLY GLY A . n 
A 1 36 GLN 36 36 36 GLN GLN A . n 
A 1 37 VAL 37 37 37 VAL VAL A . n 
A 1 38 GLU 38 38 38 GLU GLU A . n 
A 1 39 SER 39 39 39 SER SER A . n 
A 1 40 PHE 40 40 40 PHE PHE A . n 
A 1 41 ASP 41 41 41 ASP ASP A . n 
A 1 42 GLN 42 42 42 GLN GLN A . n 
A 1 43 TYR 43 43 43 TYR TYR A . n 
A 1 44 VAL 44 44 44 VAL VAL A . n 
A 1 45 VAL 45 45 45 VAL VAL A . n 
A 1 46 LEU 46 46 46 LEU LEU A . n 
A 1 47 LEU 47 47 47 LEU LEU A . n 
A 1 48 LYS 48 48 48 LYS LYS A . n 
A 1 49 ASN 49 49 49 ASN ASN A . n 
A 1 50 THR 50 50 50 THR THR A . n 
A 1 51 VAL 51 51 51 VAL VAL A . n 
A 1 52 THR 52 52 52 THR THR A . n 
A 1 53 GLN 53 53 53 GLN GLN A . n 
A 1 54 MET 54 54 54 MET MET A . n 
A 1 55 VAL 55 55 55 VAL VAL A . n 
A 1 56 TYR 56 56 56 TYR TYR A . n 
A 1 57 LYS 57 57 57 LYS LYS A . n 
A 1 58 HIS 58 58 58 HIS HIS A . n 
A 1 59 ALA 59 59 59 ALA ALA A . n 
A 1 60 ILE 60 60 60 ILE ILE A . n 
A 1 61 SER 61 61 61 SER SER A . n 
A 1 62 THR 62 62 62 THR THR A . n 
A 1 63 VAL 63 63 63 VAL VAL A . n 
A 1 64 VAL 64 64 64 VAL VAL A . n 
A 1 65 PRO 65 65 65 PRO PRO A . n 
A 1 66 ALA 66 66 66 ALA ALA A . n 
A 1 67 ARG 67 67 67 ARG ARG A . n 
A 1 68 PRO 68 68 68 PRO PRO A . n 
A 1 69 VAL 69 69 69 VAL VAL A . n 
A 1 70 ASN 70 70 70 ASN ASN A . n 
A 1 71 LEU 71 71 71 LEU LEU A . n 
A 1 72 PRO 72 72 ?  ?   ?   A . n 
A 1 73 HIS 73 73 ?  ?   ?   A . n 
A 1 74 GLU 74 74 ?  ?   ?   A . n 
A 1 75 HIS 75 75 ?  ?   ?   A . n 
A 1 76 PRO 76 76 ?  ?   ?   A . n 
A 1 77 VAL 77 77 ?  ?   ?   A . n 
A 1 78 GLN 78 78 ?  ?   ?   A . n 
A 1 79 LYS 79 79 ?  ?   ?   A . n 
A 1 80 GLN 80 80 ?  ?   ?   A . n 
A 1 81 GLU 81 81 ?  ?   ?   A . n 
A 1 82 GLN 82 82 ?  ?   ?   A . n 
A 1 83 GLN 83 83 ?  ?   ?   A . n 
A 1 84 ASP 84 84 ?  ?   ?   A . n 
A 1 85 ALA 85 85 ?  ?   ?   A . n 
# 
loop_
_pdbx_nonpoly_scheme.asym_id 
_pdbx_nonpoly_scheme.entity_id 
_pdbx_nonpoly_scheme.mon_id 
_pdbx_nonpoly_scheme.ndb_seq_num 
_pdbx_nonpoly_scheme.pdb_seq_num 
_pdbx_nonpoly_scheme.auth_seq_num 
_pdbx_nonpoly_scheme.pdb_mon_id 
_pdbx_nonpoly_scheme.auth_mon_id 
_pdbx_nonpoly_scheme.pdb_strand_id 
_pdbx_nonpoly_scheme.pdb_ins_code 
B 2 HOH 1   201 93  HOH HOH A . 
B 2 HOH 2   202 78  HOH HOH A . 
B 2 HOH 3   203 88  HOH HOH A . 
B 2 HOH 4   204 122 HOH HOH A . 
B 2 HOH 5   205 117 HOH HOH A . 
B 2 HOH 6   206 97  HOH HOH A . 
B 2 HOH 7   207 73  HOH HOH A . 
B 2 HOH 8   208 53  HOH HOH A . 
B 2 HOH 9   209 89  HOH HOH A . 
B 2 HOH 10  210 44  HOH HOH A . 
B 2 HOH 11  211 43  HOH HOH A . 
B 2 HOH 12  212 26  HOH HOH A . 
B 2 HOH 13  213 25  HOH HOH A . 
B 2 HOH 14  214 87  HOH HOH A . 
B 2 HOH 15  215 50  HOH HOH A . 
B 2 HOH 16  216 10  HOH HOH A . 
B 2 HOH 17  217 104 HOH HOH A . 
B 2 HOH 18  218 39  HOH HOH A . 
B 2 HOH 19  219 29  HOH HOH A . 
B 2 HOH 20  220 47  HOH HOH A . 
B 2 HOH 21  221 63  HOH HOH A . 
B 2 HOH 22  222 115 HOH HOH A . 
B 2 HOH 23  223 13  HOH HOH A . 
B 2 HOH 24  224 45  HOH HOH A . 
B 2 HOH 25  225 7   HOH HOH A . 
B 2 HOH 26  226 3   HOH HOH A . 
B 2 HOH 27  227 46  HOH HOH A . 
B 2 HOH 28  228 109 HOH HOH A . 
B 2 HOH 29  229 2   HOH HOH A . 
B 2 HOH 30  230 22  HOH HOH A . 
B 2 HOH 31  231 16  HOH HOH A . 
B 2 HOH 32  232 30  HOH HOH A . 
B 2 HOH 33  233 19  HOH HOH A . 
B 2 HOH 34  234 71  HOH HOH A . 
B 2 HOH 35  235 99  HOH HOH A . 
B 2 HOH 36  236 35  HOH HOH A . 
B 2 HOH 37  237 6   HOH HOH A . 
B 2 HOH 38  238 8   HOH HOH A . 
B 2 HOH 39  239 17  HOH HOH A . 
B 2 HOH 40  240 20  HOH HOH A . 
B 2 HOH 41  241 40  HOH HOH A . 
B 2 HOH 42  242 23  HOH HOH A . 
B 2 HOH 43  243 48  HOH HOH A . 
B 2 HOH 44  244 28  HOH HOH A . 
B 2 HOH 45  245 9   HOH HOH A . 
B 2 HOH 46  246 36  HOH HOH A . 
B 2 HOH 47  247 4   HOH HOH A . 
B 2 HOH 48  248 113 HOH HOH A . 
B 2 HOH 49  249 51  HOH HOH A . 
B 2 HOH 50  250 5   HOH HOH A . 
B 2 HOH 51  251 34  HOH HOH A . 
B 2 HOH 52  252 32  HOH HOH A . 
B 2 HOH 53  253 27  HOH HOH A . 
B 2 HOH 54  254 38  HOH HOH A . 
B 2 HOH 55  255 55  HOH HOH A . 
B 2 HOH 56  256 12  HOH HOH A . 
B 2 HOH 57  257 15  HOH HOH A . 
B 2 HOH 58  258 1   HOH HOH A . 
B 2 HOH 59  259 14  HOH HOH A . 
B 2 HOH 60  260 61  HOH HOH A . 
B 2 HOH 61  261 76  HOH HOH A . 
B 2 HOH 62  262 90  HOH HOH A . 
B 2 HOH 63  263 65  HOH HOH A . 
B 2 HOH 64  264 62  HOH HOH A . 
B 2 HOH 65  265 91  HOH HOH A . 
B 2 HOH 66  266 72  HOH HOH A . 
B 2 HOH 67  267 11  HOH HOH A . 
B 2 HOH 68  268 120 HOH HOH A . 
B 2 HOH 69  269 56  HOH HOH A . 
B 2 HOH 70  270 103 HOH HOH A . 
B 2 HOH 71  271 75  HOH HOH A . 
B 2 HOH 72  272 100 HOH HOH A . 
B 2 HOH 73  273 83  HOH HOH A . 
B 2 HOH 74  274 108 HOH HOH A . 
B 2 HOH 75  275 81  HOH HOH A . 
B 2 HOH 76  276 96  HOH HOH A . 
B 2 HOH 77  277 102 HOH HOH A . 
B 2 HOH 78  278 114 HOH HOH A . 
B 2 HOH 79  279 70  HOH HOH A . 
B 2 HOH 80  280 64  HOH HOH A . 
B 2 HOH 81  281 95  HOH HOH A . 
B 2 HOH 82  282 80  HOH HOH A . 
B 2 HOH 83  283 85  HOH HOH A . 
B 2 HOH 84  284 119 HOH HOH A . 
B 2 HOH 85  285 49  HOH HOH A . 
B 2 HOH 86  286 21  HOH HOH A . 
B 2 HOH 87  287 66  HOH HOH A . 
B 2 HOH 88  288 68  HOH HOH A . 
B 2 HOH 89  289 52  HOH HOH A . 
B 2 HOH 90  290 60  HOH HOH A . 
B 2 HOH 91  291 37  HOH HOH A . 
B 2 HOH 92  292 54  HOH HOH A . 
B 2 HOH 93  293 69  HOH HOH A . 
B 2 HOH 94  294 84  HOH HOH A . 
B 2 HOH 95  295 107 HOH HOH A . 
B 2 HOH 96  296 86  HOH HOH A . 
B 2 HOH 97  297 79  HOH HOH A . 
B 2 HOH 98  298 101 HOH HOH A . 
B 2 HOH 99  299 18  HOH HOH A . 
B 2 HOH 100 300 33  HOH HOH A . 
B 2 HOH 101 301 59  HOH HOH A . 
B 2 HOH 102 302 31  HOH HOH A . 
B 2 HOH 103 303 118 HOH HOH A . 
B 2 HOH 104 304 42  HOH HOH A . 
B 2 HOH 105 305 41  HOH HOH A . 
B 2 HOH 106 306 24  HOH HOH A . 
B 2 HOH 107 307 98  HOH HOH A . 
B 2 HOH 108 308 105 HOH HOH A . 
B 2 HOH 109 309 77  HOH HOH A . 
B 2 HOH 110 310 67  HOH HOH A . 
B 2 HOH 111 311 116 HOH HOH A . 
# 
loop_
_software.citation_id 
_software.classification 
_software.compiler_name 
_software.compiler_version 
_software.contact_author 
_software.contact_author_email 
_software.date 
_software.description 
_software.dependencies 
_software.hardware 
_software.language 
_software.location 
_software.mods 
_software.name 
_software.os 
_software.os_version 
_software.type 
_software.version 
_software.pdbx_ordinal 
? refinement       ? ? ? ? ? ? ? ? ? ? ? PHENIX      ? ? ? '(1.20.1_4487)' 1 
? 'data scaling'   ? ? ? ? ? ? ? ? ? ? ? Aimless     ? ? ? .               2 
? phasing          ? ? ? ? ? ? ? ? ? ? ? PHASER      ? ? ? .               3 
? 'data reduction' ? ? ? ? ? ? ? ? ? ? ? CrysalisPro ? ? ? .               4 
# 
_cell.angle_alpha                  90.00 
_cell.angle_alpha_esd              ? 
_cell.angle_beta                   90.00 
_cell.angle_beta_esd               ? 
_cell.angle_gamma                  120.00 
_cell.angle_gamma_esd              ? 
_cell.entry_id                     8P91 
_cell.details                      ? 
_cell.formula_units_Z              ? 
_cell.length_a                     65.145 
_cell.length_a_esd                 ? 
_cell.length_b                     65.145 
_cell.length_b_esd                 ? 
_cell.length_c                     27.679 
_cell.length_c_esd                 ? 
_cell.volume                       ? 
_cell.volume_esd                   ? 
_cell.Z_PDB                        6 
_cell.reciprocal_angle_alpha       ? 
_cell.reciprocal_angle_beta        ? 
_cell.reciprocal_angle_gamma       ? 
_cell.reciprocal_angle_alpha_esd   ? 
_cell.reciprocal_angle_beta_esd    ? 
_cell.reciprocal_angle_gamma_esd   ? 
_cell.reciprocal_length_a          ? 
_cell.reciprocal_length_b          ? 
_cell.reciprocal_length_c          ? 
_cell.reciprocal_length_a_esd      ? 
_cell.reciprocal_length_b_esd      ? 
_cell.reciprocal_length_c_esd      ? 
_cell.pdbx_unique_axis             ? 
_cell.pdbx_esd_method              ? 
# 
_symmetry.entry_id                         8P91 
_symmetry.cell_setting                     ? 
_symmetry.Int_Tables_number                168 
_symmetry.space_group_name_Hall            ? 
_symmetry.space_group_name_H-M             'P 6' 
_symmetry.pdbx_full_space_group_name_H-M   ? 
# 
_exptl.absorpt_coefficient_mu     ? 
_exptl.absorpt_correction_T_max   ? 
_exptl.absorpt_correction_T_min   ? 
_exptl.absorpt_correction_type    ? 
_exptl.absorpt_process_details    ? 
_exptl.entry_id                   8P91 
_exptl.crystals_number            1 
_exptl.details                    ? 
_exptl.method                     'X-RAY DIFFRACTION' 
_exptl.method_details             ? 
# 
_exptl_crystal.colour                       ? 
_exptl_crystal.density_diffrn               ? 
_exptl_crystal.density_Matthews             1.75 
_exptl_crystal.density_method               ? 
_exptl_crystal.density_percent_sol          29.70 
_exptl_crystal.description                  ? 
_exptl_crystal.F_000                        ? 
_exptl_crystal.id                           1 
_exptl_crystal.preparation                  ? 
_exptl_crystal.size_max                     ? 
_exptl_crystal.size_mid                     ? 
_exptl_crystal.size_min                     ? 
_exptl_crystal.size_rad                     ? 
_exptl_crystal.colour_lustre                ? 
_exptl_crystal.colour_modifier              ? 
_exptl_crystal.colour_primary               ? 
_exptl_crystal.density_meas                 ? 
_exptl_crystal.density_meas_esd             ? 
_exptl_crystal.density_meas_gt              ? 
_exptl_crystal.density_meas_lt              ? 
_exptl_crystal.density_meas_temp            ? 
_exptl_crystal.density_meas_temp_esd        ? 
_exptl_crystal.density_meas_temp_gt         ? 
_exptl_crystal.density_meas_temp_lt         ? 
_exptl_crystal.pdbx_crystal_image_url       ? 
_exptl_crystal.pdbx_crystal_image_format    ? 
_exptl_crystal.pdbx_mosaicity               ? 
_exptl_crystal.pdbx_mosaicity_esd           ? 
_exptl_crystal.pdbx_mosaic_method           ? 
_exptl_crystal.pdbx_mosaic_block_size       ? 
_exptl_crystal.pdbx_mosaic_block_size_esd   ? 
# 
_exptl_crystal_grow.apparatus       ? 
_exptl_crystal_grow.atmosphere      ? 
_exptl_crystal_grow.crystal_id      1 
_exptl_crystal_grow.details         ? 
_exptl_crystal_grow.method          'VAPOR DIFFUSION, HANGING DROP' 
_exptl_crystal_grow.method_ref      ? 
_exptl_crystal_grow.pH              8.0 
_exptl_crystal_grow.pressure        ? 
_exptl_crystal_grow.pressure_esd    ? 
_exptl_crystal_grow.seeding         ? 
_exptl_crystal_grow.seeding_ref     ? 
_exptl_crystal_grow.temp_details    ? 
_exptl_crystal_grow.temp_esd        ? 
_exptl_crystal_grow.time            ? 
_exptl_crystal_grow.pdbx_details    
'#23 of JBScreen Nuc-Pro 1 (Jena Bioscience) 15% PEG4000, 50 mM Tris-HCl, pH 7.5, 150 mM KCl, 20 mM MgCl2' 
_exptl_crystal_grow.pdbx_pH_range   ? 
_exptl_crystal_grow.temp            296 
# 
_diffrn.ambient_environment              ? 
_diffrn.ambient_temp                     100 
_diffrn.ambient_temp_details             ? 
_diffrn.ambient_temp_esd                 ? 
_diffrn.crystal_id                       1 
_diffrn.crystal_support                  ? 
_diffrn.crystal_treatment                ? 
_diffrn.details                          ? 
_diffrn.id                               1 
_diffrn.ambient_pressure                 ? 
_diffrn.ambient_pressure_esd             ? 
_diffrn.ambient_pressure_gt              ? 
_diffrn.ambient_pressure_lt              ? 
_diffrn.ambient_temp_gt                  ? 
_diffrn.ambient_temp_lt                  ? 
_diffrn.pdbx_serial_crystal_experiment   N 
# 
_diffrn_detector.details                      ? 
_diffrn_detector.detector                     PIXEL 
_diffrn_detector.diffrn_id                    1 
_diffrn_detector.type                         'RIGAKU HyPix-6000HE' 
_diffrn_detector.area_resol_mean              ? 
_diffrn_detector.dtime                        ? 
_diffrn_detector.pdbx_frames_total            ? 
_diffrn_detector.pdbx_collection_time_total   ? 
_diffrn_detector.pdbx_collection_date         2023-03-23 
_diffrn_detector.pdbx_frequency               ? 
_diffrn_detector.id                           ? 
_diffrn_detector.number_of_axes               ? 
# 
_diffrn_radiation.collimation                      ? 
_diffrn_radiation.diffrn_id                        1 
_diffrn_radiation.filter_edge                      ? 
_diffrn_radiation.inhomogeneity                    ? 
_diffrn_radiation.monochromator                    ? 
_diffrn_radiation.polarisn_norm                    ? 
_diffrn_radiation.polarisn_ratio                   ? 
_diffrn_radiation.probe                            ? 
_diffrn_radiation.type                             ? 
_diffrn_radiation.xray_symbol                      ? 
_diffrn_radiation.wavelength_id                    1 
_diffrn_radiation.pdbx_monochromatic_or_laue_m_l   M 
_diffrn_radiation.pdbx_wavelength_list             ? 
_diffrn_radiation.pdbx_wavelength                  ? 
_diffrn_radiation.pdbx_diffrn_protocol             'SINGLE WAVELENGTH' 
_diffrn_radiation.pdbx_analyzer                    ? 
_diffrn_radiation.pdbx_scattering_type             x-ray 
# 
_diffrn_radiation_wavelength.id           1 
_diffrn_radiation_wavelength.wavelength   1.5418 
_diffrn_radiation_wavelength.wt           1.0 
# 
_diffrn_source.current                     ? 
_diffrn_source.details                     ? 
_diffrn_source.diffrn_id                   1 
_diffrn_source.power                       ? 
_diffrn_source.size                        ? 
_diffrn_source.source                      'ROTATING ANODE' 
_diffrn_source.target                      ? 
_diffrn_source.type                        'RIGAKU PhotonJet-R' 
_diffrn_source.voltage                     ? 
_diffrn_source.take-off_angle              ? 
_diffrn_source.pdbx_wavelength_list        1.5418 
_diffrn_source.pdbx_wavelength             ? 
_diffrn_source.pdbx_synchrotron_beamline   ? 
_diffrn_source.pdbx_synchrotron_site       ? 
# 
_reflns.B_iso_Wilson_estimate                          ? 
_reflns.entry_id                                       8P91 
_reflns.data_reduction_details                         ? 
_reflns.data_reduction_method                          ? 
_reflns.d_resolution_high                              1.40 
_reflns.d_resolution_low                               21.32 
_reflns.details                                        ? 
_reflns.limit_h_max                                    ? 
_reflns.limit_h_min                                    ? 
_reflns.limit_k_max                                    ? 
_reflns.limit_k_min                                    ? 
_reflns.limit_l_max                                    ? 
_reflns.limit_l_min                                    ? 
_reflns.number_all                                     ? 
_reflns.number_obs                                     13426 
_reflns.observed_criterion                             ? 
_reflns.observed_criterion_F_max                       ? 
_reflns.observed_criterion_F_min                       ? 
_reflns.observed_criterion_I_max                       ? 
_reflns.observed_criterion_I_min                       ? 
_reflns.observed_criterion_sigma_F                     ? 
_reflns.observed_criterion_sigma_I                     ? 
_reflns.percent_possible_obs                           99.9 
_reflns.R_free_details                                 ? 
_reflns.Rmerge_F_all                                   ? 
_reflns.Rmerge_F_obs                                   ? 
_reflns.Friedel_coverage                               ? 
_reflns.number_gt                                      ? 
_reflns.threshold_expression                           ? 
_reflns.pdbx_redundancy                                5.1 
_reflns.pdbx_netI_over_av_sigmaI                       ? 
_reflns.pdbx_netI_over_sigmaI                          10.7 
_reflns.pdbx_res_netI_over_av_sigmaI_2                 ? 
_reflns.pdbx_res_netI_over_sigmaI_2                    ? 
_reflns.pdbx_chi_squared                               0.96 
_reflns.pdbx_scaling_rejects                           ? 
_reflns.pdbx_d_res_high_opt                            ? 
_reflns.pdbx_d_res_low_opt                             ? 
_reflns.pdbx_d_res_opt_method                          ? 
_reflns.phase_calculation_details                      ? 
_reflns.pdbx_Rrim_I_all                                0.106 
_reflns.pdbx_Rpim_I_all                                0.045 
_reflns.pdbx_d_opt                                     ? 
_reflns.pdbx_number_measured_all                       68788 
_reflns.pdbx_diffrn_id                                 1 
_reflns.pdbx_ordinal                                   1 
_reflns.pdbx_CC_half                                   0.996 
_reflns.pdbx_CC_star                                   ? 
_reflns.pdbx_R_split                                   ? 
_reflns.pdbx_Rmerge_I_obs                              0.095 
_reflns.pdbx_Rmerge_I_all                              ? 
_reflns.pdbx_Rsym_value                                ? 
_reflns.pdbx_CC_split_method                           ? 
_reflns.pdbx_aniso_diffraction_limit_axis_1_ortho[1]   ? 
_reflns.pdbx_aniso_diffraction_limit_axis_1_ortho[2]   ? 
_reflns.pdbx_aniso_diffraction_limit_axis_1_ortho[3]   ? 
_reflns.pdbx_aniso_diffraction_limit_axis_2_ortho[1]   ? 
_reflns.pdbx_aniso_diffraction_limit_axis_2_ortho[2]   ? 
_reflns.pdbx_aniso_diffraction_limit_axis_2_ortho[3]   ? 
_reflns.pdbx_aniso_diffraction_limit_axis_3_ortho[1]   ? 
_reflns.pdbx_aniso_diffraction_limit_axis_3_ortho[2]   ? 
_reflns.pdbx_aniso_diffraction_limit_axis_3_ortho[3]   ? 
_reflns.pdbx_aniso_diffraction_limit_1                 ? 
_reflns.pdbx_aniso_diffraction_limit_2                 ? 
_reflns.pdbx_aniso_diffraction_limit_3                 ? 
_reflns.pdbx_aniso_B_tensor_eigenvector_1_ortho[1]     ? 
_reflns.pdbx_aniso_B_tensor_eigenvector_1_ortho[2]     ? 
_reflns.pdbx_aniso_B_tensor_eigenvector_1_ortho[3]     ? 
_reflns.pdbx_aniso_B_tensor_eigenvector_2_ortho[1]     ? 
_reflns.pdbx_aniso_B_tensor_eigenvector_2_ortho[2]     ? 
_reflns.pdbx_aniso_B_tensor_eigenvector_2_ortho[3]     ? 
_reflns.pdbx_aniso_B_tensor_eigenvector_3_ortho[1]     ? 
_reflns.pdbx_aniso_B_tensor_eigenvector_3_ortho[2]     ? 
_reflns.pdbx_aniso_B_tensor_eigenvector_3_ortho[3]     ? 
_reflns.pdbx_aniso_B_tensor_eigenvalue_1               ? 
_reflns.pdbx_aniso_B_tensor_eigenvalue_2               ? 
_reflns.pdbx_aniso_B_tensor_eigenvalue_3               ? 
_reflns.pdbx_orthogonalization_convention              ? 
_reflns.pdbx_percent_possible_ellipsoidal              ? 
_reflns.pdbx_percent_possible_spherical                ? 
_reflns.pdbx_percent_possible_ellipsoidal_anomalous    ? 
_reflns.pdbx_percent_possible_spherical_anomalous      ? 
_reflns.pdbx_redundancy_anomalous                      ? 
_reflns.pdbx_CC_half_anomalous                         ? 
_reflns.pdbx_absDiff_over_sigma_anomalous              ? 
_reflns.pdbx_percent_possible_anomalous                ? 
_reflns.pdbx_observed_signal_threshold                 ? 
_reflns.pdbx_signal_type                               ? 
_reflns.pdbx_signal_details                            ? 
_reflns.pdbx_signal_software_id                        ? 
# 
_reflns_shell.d_res_high                                    1.40 
_reflns_shell.d_res_low                                     1.42 
_reflns_shell.meanI_over_sigI_all                           ? 
_reflns_shell.meanI_over_sigI_obs                           ? 
_reflns_shell.number_measured_all                           2424 
_reflns_shell.number_measured_obs                           ? 
_reflns_shell.number_possible                               ? 
_reflns_shell.number_unique_all                             ? 
_reflns_shell.number_unique_obs                             663 
_reflns_shell.percent_possible_obs                          100.0 
_reflns_shell.Rmerge_F_all                                  ? 
_reflns_shell.Rmerge_F_obs                                  ? 
_reflns_shell.meanI_over_sigI_gt                            ? 
_reflns_shell.meanI_over_uI_all                             ? 
_reflns_shell.meanI_over_uI_gt                              ? 
_reflns_shell.number_measured_gt                            ? 
_reflns_shell.number_unique_gt                              ? 
_reflns_shell.percent_possible_gt                           ? 
_reflns_shell.Rmerge_F_gt                                   ? 
_reflns_shell.Rmerge_I_gt                                   ? 
_reflns_shell.pdbx_redundancy                               3.7 
_reflns_shell.pdbx_chi_squared                              0.88 
_reflns_shell.pdbx_netI_over_sigmaI_all                     ? 
_reflns_shell.pdbx_netI_over_sigmaI_obs                     1.6 
_reflns_shell.pdbx_Rrim_I_all                               0.856 
_reflns_shell.pdbx_Rpim_I_all                               0.442 
_reflns_shell.pdbx_rejects                                  ? 
_reflns_shell.pdbx_ordinal                                  1 
_reflns_shell.pdbx_diffrn_id                                1 
_reflns_shell.pdbx_CC_half                                  0.478 
_reflns_shell.pdbx_CC_star                                  ? 
_reflns_shell.pdbx_R_split                                  ? 
_reflns_shell.percent_possible_all                          ? 
_reflns_shell.Rmerge_I_all                                  ? 
_reflns_shell.Rmerge_I_obs                                  0.730 
_reflns_shell.pdbx_Rsym_value                               ? 
_reflns_shell.pdbx_percent_possible_ellipsoidal             ? 
_reflns_shell.pdbx_percent_possible_spherical               ? 
_reflns_shell.pdbx_percent_possible_ellipsoidal_anomalous   ? 
_reflns_shell.pdbx_percent_possible_spherical_anomalous     ? 
_reflns_shell.pdbx_redundancy_anomalous                     ? 
_reflns_shell.pdbx_CC_half_anomalous                        ? 
_reflns_shell.pdbx_absDiff_over_sigma_anomalous             ? 
_reflns_shell.pdbx_percent_possible_anomalous               ? 
# 
_refine.aniso_B[1][1]                            ? 
_refine.aniso_B[1][2]                            ? 
_refine.aniso_B[1][3]                            ? 
_refine.aniso_B[2][2]                            ? 
_refine.aniso_B[2][3]                            ? 
_refine.aniso_B[3][3]                            ? 
_refine.B_iso_max                                ? 
_refine.B_iso_mean                               9.16 
_refine.B_iso_min                                ? 
_refine.correlation_coeff_Fo_to_Fc               ? 
_refine.correlation_coeff_Fo_to_Fc_free          ? 
_refine.details                                  ? 
_refine.diff_density_max                         ? 
_refine.diff_density_max_esd                     ? 
_refine.diff_density_min                         ? 
_refine.diff_density_min_esd                     ? 
_refine.diff_density_rms                         ? 
_refine.diff_density_rms_esd                     ? 
_refine.entry_id                                 8P91 
_refine.pdbx_refine_id                           'X-RAY DIFFRACTION' 
_refine.ls_abs_structure_details                 ? 
_refine.ls_abs_structure_Flack                   ? 
_refine.ls_abs_structure_Flack_esd               ? 
_refine.ls_abs_structure_Rogers                  ? 
_refine.ls_abs_structure_Rogers_esd              ? 
_refine.ls_d_res_high                            1.40 
_refine.ls_d_res_low                             21.32 
_refine.ls_extinction_coef                       ? 
_refine.ls_extinction_coef_esd                   ? 
_refine.ls_extinction_expression                 ? 
_refine.ls_extinction_method                     ? 
_refine.ls_goodness_of_fit_all                   ? 
_refine.ls_goodness_of_fit_all_esd               ? 
_refine.ls_goodness_of_fit_obs                   ? 
_refine.ls_goodness_of_fit_obs_esd               ? 
_refine.ls_hydrogen_treatment                    ? 
_refine.ls_matrix_type                           ? 
_refine.ls_number_constraints                    ? 
_refine.ls_number_parameters                     ? 
_refine.ls_number_reflns_all                     ? 
_refine.ls_number_reflns_obs                     13426 
_refine.ls_number_reflns_R_free                  682 
_refine.ls_number_reflns_R_work                  ? 
_refine.ls_number_restraints                     ? 
_refine.ls_percent_reflns_obs                    99.88 
_refine.ls_percent_reflns_R_free                 5.08 
_refine.ls_R_factor_all                          ? 
_refine.ls_R_factor_obs                          0.1690 
_refine.ls_R_factor_R_free                       0.1879 
_refine.ls_R_factor_R_free_error                 ? 
_refine.ls_R_factor_R_free_error_details         ? 
_refine.ls_R_factor_R_work                       0.1549 
_refine.ls_R_Fsqd_factor_obs                     ? 
_refine.ls_R_I_factor_obs                        ? 
_refine.ls_redundancy_reflns_all                 ? 
_refine.ls_redundancy_reflns_obs                 ? 
_refine.ls_restrained_S_all                      ? 
_refine.ls_restrained_S_obs                      ? 
_refine.ls_shift_over_esd_max                    ? 
_refine.ls_shift_over_esd_mean                   ? 
_refine.ls_structure_factor_coef                 ? 
_refine.ls_weighting_details                     ? 
_refine.ls_weighting_scheme                      ? 
_refine.ls_wR_factor_all                         ? 
_refine.ls_wR_factor_obs                         ? 
_refine.ls_wR_factor_R_free                      ? 
_refine.ls_wR_factor_R_work                      ? 
_refine.occupancy_max                            ? 
_refine.occupancy_min                            ? 
_refine.solvent_model_details                    'FLAT BULK SOLVENT MODEL' 
_refine.solvent_model_param_bsol                 ? 
_refine.solvent_model_param_ksol                 ? 
_refine.pdbx_R_complete                          ? 
_refine.ls_R_factor_gt                           ? 
_refine.ls_goodness_of_fit_gt                    ? 
_refine.ls_goodness_of_fit_ref                   ? 
_refine.ls_shift_over_su_max                     ? 
_refine.ls_shift_over_su_max_lt                  ? 
_refine.ls_shift_over_su_mean                    ? 
_refine.ls_shift_over_su_mean_lt                 ? 
_refine.pdbx_ls_sigma_I                          ? 
_refine.pdbx_ls_sigma_F                          38.87 
_refine.pdbx_ls_sigma_Fsqd                       ? 
_refine.pdbx_data_cutoff_high_absF               ? 
_refine.pdbx_data_cutoff_high_rms_absF           ? 
_refine.pdbx_data_cutoff_low_absF                ? 
_refine.pdbx_isotropic_thermal_model             ? 
_refine.pdbx_ls_cross_valid_method               'FREE R-VALUE' 
_refine.pdbx_method_to_determine_struct          'MOLECULAR REPLACEMENT' 
_refine.pdbx_starting_model                      ? 
_refine.pdbx_stereochemistry_target_values       TWIN_LSQ_F 
_refine.pdbx_R_Free_selection_details            5% 
_refine.pdbx_stereochem_target_val_spec_case     ? 
_refine.pdbx_overall_ESU_R                       ? 
_refine.pdbx_overall_ESU_R_Free                  ? 
_refine.pdbx_solvent_vdw_probe_radii             1.10 
_refine.pdbx_solvent_ion_probe_radii             ? 
_refine.pdbx_solvent_shrinkage_radii             0.90 
_refine.pdbx_real_space_R                        ? 
_refine.pdbx_density_correlation                 ? 
_refine.pdbx_pd_number_of_powder_patterns        ? 
_refine.pdbx_pd_number_of_points                 ? 
_refine.pdbx_pd_meas_number_of_points            ? 
_refine.pdbx_pd_proc_ls_prof_R_factor            ? 
_refine.pdbx_pd_proc_ls_prof_wR_factor           ? 
_refine.pdbx_pd_Marquardt_correlation_coeff      ? 
_refine.pdbx_pd_Fsqrd_R_factor                   ? 
_refine.pdbx_pd_ls_matrix_band_width             ? 
_refine.pdbx_overall_phase_error                 30.01 
_refine.pdbx_overall_SU_R_free_Cruickshank_DPI   ? 
_refine.pdbx_overall_SU_R_free_Blow_DPI          ? 
_refine.pdbx_overall_SU_R_Blow_DPI               ? 
_refine.pdbx_TLS_residual_ADP_flag               ? 
_refine.pdbx_diffrn_id                           1 
_refine.overall_SU_B                             ? 
_refine.overall_SU_ML                            ? 
_refine.overall_SU_R_Cruickshank_DPI             ? 
_refine.overall_SU_R_free                        ? 
_refine.overall_FOM_free_R_set                   ? 
_refine.overall_FOM_work_R_set                   ? 
_refine.pdbx_average_fsc_overall                 ? 
_refine.pdbx_average_fsc_work                    ? 
_refine.pdbx_average_fsc_free                    ? 
# 
_refine_hist.pdbx_refine_id                   'X-RAY DIFFRACTION' 
_refine_hist.cycle_id                         LAST 
_refine_hist.pdbx_number_atoms_protein        534 
_refine_hist.pdbx_number_atoms_nucleic_acid   0 
_refine_hist.pdbx_number_atoms_ligand         1 
_refine_hist.number_atoms_solvent             115 
_refine_hist.number_atoms_total               650 
_refine_hist.d_res_high                       1.40 
_refine_hist.d_res_low                        21.32 
# 
loop_
_refine_ls_restr.pdbx_refine_id 
_refine_ls_restr.criterion 
_refine_ls_restr.dev_ideal 
_refine_ls_restr.dev_ideal_target 
_refine_ls_restr.number 
_refine_ls_restr.rejects 
_refine_ls_restr.type 
_refine_ls_restr.weight 
_refine_ls_restr.pdbx_restraint_function 
'X-RAY DIFFRACTION' ? 0.006 ? 557 ? f_bond_d           ? ? 
'X-RAY DIFFRACTION' ? 0.909 ? 760 ? f_angle_d          ? ? 
'X-RAY DIFFRACTION' ? 5.515 ? 75  ? f_dihedral_angle_d ? ? 
'X-RAY DIFFRACTION' ? 0.087 ? 92  ? f_chiral_restr     ? ? 
'X-RAY DIFFRACTION' ? 0.006 ? 96  ? f_plane_restr      ? ? 
# 
loop_
_refine_ls_shell.pdbx_refine_id 
_refine_ls_shell.d_res_high 
_refine_ls_shell.d_res_low 
_refine_ls_shell.number_reflns_all 
_refine_ls_shell.number_reflns_obs 
_refine_ls_shell.number_reflns_R_free 
_refine_ls_shell.number_reflns_R_work 
_refine_ls_shell.percent_reflns_obs 
_refine_ls_shell.percent_reflns_R_free 
_refine_ls_shell.R_factor_all 
_refine_ls_shell.R_factor_obs 
_refine_ls_shell.R_factor_R_free_error 
_refine_ls_shell.R_factor_R_work 
_refine_ls_shell.redundancy_reflns_all 
_refine_ls_shell.redundancy_reflns_obs 
_refine_ls_shell.wR_factor_all 
_refine_ls_shell.wR_factor_obs 
_refine_ls_shell.wR_factor_R_free 
_refine_ls_shell.wR_factor_R_work 
_refine_ls_shell.pdbx_R_complete 
_refine_ls_shell.pdbx_total_number_of_bins_used 
_refine_ls_shell.pdbx_phase_error 
_refine_ls_shell.pdbx_fsc_work 
_refine_ls_shell.pdbx_fsc_free 
_refine_ls_shell.R_factor_R_free 
'X-RAY DIFFRACTION' 1.40 1.51  . . 122 2532 95.00 . . . . 0.2147 . . . . . . . . . . . 0.2331 
'X-RAY DIFFRACTION' 1.51 1.66  . . 120 2520 95.00 . . . . 0.1780 . . . . . . . . . . . 0.1974 
'X-RAY DIFFRACTION' 1.66 1.90  . . 156 2521 94.00 . . . . 0.1663 . . . . . . . . . . . 0.1933 
'X-RAY DIFFRACTION' 1.90 2.39  . . 132 2552 95.00 . . . . 0.1616 . . . . . . . . . . . 0.1975 
'X-RAY DIFFRACTION' 2.39 21.32 . . 152 2619 95.00 . . . . 0.1568 . . . . . . . . . . . 0.1943 
# 
_struct.entry_id                     8P91 
_struct.title                        'Hfq from Chromobacterium haemolyticum; a P6 space group monomer' 
_struct.pdbx_model_details           ? 
_struct.pdbx_formula_weight          ? 
_struct.pdbx_formula_weight_method   ? 
_struct.pdbx_model_type_details      ? 
_struct.pdbx_CASP_flag               N 
# 
_struct_keywords.entry_id        8P91 
_struct_keywords.text            'Hfq, translation regulation, RNA BINDING PROTEIN' 
_struct_keywords.pdbx_keywords   'RNA BINDING PROTEIN' 
# 
loop_
_struct_asym.id 
_struct_asym.pdbx_blank_PDB_chainid_flag 
_struct_asym.pdbx_modified 
_struct_asym.entity_id 
_struct_asym.details 
A N N 1 ? 
B N N 2 ? 
# 
_struct_ref.id                         1 
_struct_ref.db_name                    UNP 
_struct_ref.db_code                    A0A1W0CX06_9NEIS 
_struct_ref.pdbx_db_accession          A0A1W0CX06 
_struct_ref.pdbx_db_isoform            ? 
_struct_ref.entity_id                  1 
_struct_ref.pdbx_seq_one_letter_code   
;MSSKGQMLQDPFLNILRKEHVPVSIYLVNGIKLQGQVESFDQYVVLLKNTVTQMVYKHAISTVVPARPVNLPHEHPVQKQ
EQQDA
;
_struct_ref.pdbx_align_begin           1 
# 
_struct_ref_seq.align_id                      1 
_struct_ref_seq.ref_id                        1 
_struct_ref_seq.pdbx_PDB_id_code              8P91 
_struct_ref_seq.pdbx_strand_id                A 
_struct_ref_seq.seq_align_beg                 1 
_struct_ref_seq.pdbx_seq_align_beg_ins_code   ? 
_struct_ref_seq.seq_align_end                 85 
_struct_ref_seq.pdbx_seq_align_end_ins_code   ? 
_struct_ref_seq.pdbx_db_accession             A0A1W0CX06 
_struct_ref_seq.db_align_beg                  1 
_struct_ref_seq.pdbx_db_align_beg_ins_code    ? 
_struct_ref_seq.db_align_end                  85 
_struct_ref_seq.pdbx_db_align_end_ins_code    ? 
_struct_ref_seq.pdbx_auth_seq_align_beg       1 
_struct_ref_seq.pdbx_auth_seq_align_end       85 
# 
_pdbx_struct_assembly.id                   1 
_pdbx_struct_assembly.details              author_defined_assembly 
_pdbx_struct_assembly.method_details       ? 
_pdbx_struct_assembly.oligomeric_details   hexameric 
_pdbx_struct_assembly.oligomeric_count     6 
# 
loop_
_pdbx_struct_assembly_prop.biol_id 
_pdbx_struct_assembly_prop.type 
_pdbx_struct_assembly_prop.value 
_pdbx_struct_assembly_prop.details 
1 'ABSA (A^2)' 9670  ? 
1 MORE         -75   ? 
1 'SSA (A^2)'  18280 ? 
# 
_pdbx_struct_assembly_gen.assembly_id       1 
_pdbx_struct_assembly_gen.oper_expression   1,2,3,4,5,6 
_pdbx_struct_assembly_gen.asym_id_list      A,B 
# 
_pdbx_struct_assembly_auth_evidence.id                     1 
_pdbx_struct_assembly_auth_evidence.assembly_id            1 
_pdbx_struct_assembly_auth_evidence.experimental_support   homology 
_pdbx_struct_assembly_auth_evidence.details                ? 
# 
loop_
_pdbx_struct_oper_list.id 
_pdbx_struct_oper_list.type 
_pdbx_struct_oper_list.name 
_pdbx_struct_oper_list.symmetry_operation 
_pdbx_struct_oper_list.matrix[1][1] 
_pdbx_struct_oper_list.matrix[1][2] 
_pdbx_struct_oper_list.matrix[1][3] 
_pdbx_struct_oper_list.vector[1] 
_pdbx_struct_oper_list.matrix[2][1] 
_pdbx_struct_oper_list.matrix[2][2] 
_pdbx_struct_oper_list.matrix[2][3] 
_pdbx_struct_oper_list.vector[2] 
_pdbx_struct_oper_list.matrix[3][1] 
_pdbx_struct_oper_list.matrix[3][2] 
_pdbx_struct_oper_list.matrix[3][3] 
_pdbx_struct_oper_list.vector[3] 
1 'identity operation'         1_555 x,y,z     1.0000000000  0.0000000000  0.0000000000  0.0000000000   0.0000000000  1.0000000000 0.0000000000  0.0000000000  0.0000000000  0.0000000000  1.0000000000  0.0000000000   
2 'crystal symmetry operation' 2_555 -y,x-y,z  -0.4814342436 -0.0416794375 0.8754906588  12.2650140412  -0.2866311596 0.9514335706 -0.1123242589 -2.9903314717 -0.8282895915 -0.3050196473 -0.4699993269 -30.4479563825 
3 'crystal symmetry operation' 3_555 -x+y,-x,z -0.4814342436 -0.2866311596 -0.8282895915 -20.1720497740 -0.0416794375 0.9514335706 -0.3050196473 -5.9309242819 0.8754906588  -0.1123242589 -0.4699993269 -25.3843109949 
4 'crystal symmetry operation' 4_555 -x,-y,z   -0.9752456582 -0.2188737314 0.0314673781  -5.2713571552  -0.2188737314 0.9352447608 -0.2782292708 -5.9475038358 0.0314673781  -0.2782292708 -0.9599991026 -37.2215115849 
5 'crystal symmetry operation' 5_555 y,-x+y,z  0.5061885855  -0.1771942939 -0.8440232806 -17.5363711964 0.0677574282  0.9838111902 -0.1659050119 -2.9571723641 0.8597569697  0.0267903765  0.5100002244  -6.7735552024  
6 'crystal symmetry operation' 6_555 x-y,x,z   0.5061885855  0.0677574282  0.8597569697  14.9006926188  -0.1771942939 0.9838111902 0.0267903765  -0.0165795538 -0.8440232806 -0.1659050119 0.5100002244  -11.8372005900 
# 
_struct_conf.conf_type_id            HELX_P 
_struct_conf.id                      HELX_P1 
_struct_conf.pdbx_PDB_helix_id       AA1 
_struct_conf.beg_label_comp_id       LEU 
_struct_conf.beg_label_asym_id       A 
_struct_conf.beg_label_seq_id        8 
_struct_conf.pdbx_beg_PDB_ins_code   ? 
_struct_conf.end_label_comp_id       GLU 
_struct_conf.end_label_asym_id       A 
_struct_conf.end_label_seq_id        19 
_struct_conf.pdbx_end_PDB_ins_code   ? 
_struct_conf.beg_auth_comp_id        LEU 
_struct_conf.beg_auth_asym_id        A 
_struct_conf.beg_auth_seq_id         8 
_struct_conf.end_auth_comp_id        GLU 
_struct_conf.end_auth_asym_id        A 
_struct_conf.end_auth_seq_id         19 
_struct_conf.pdbx_PDB_helix_class    1 
_struct_conf.details                 ? 
_struct_conf.pdbx_PDB_helix_length   12 
# 
_struct_conf_type.id          HELX_P 
_struct_conf_type.criteria    ? 
_struct_conf_type.reference   ? 
# 
_struct_sheet.id               AA1 
_struct_sheet.type             ? 
_struct_sheet.number_strands   5 
_struct_sheet.details          ? 
# 
loop_
_struct_sheet_order.sheet_id 
_struct_sheet_order.range_id_1 
_struct_sheet_order.range_id_2 
_struct_sheet_order.offset 
_struct_sheet_order.sense 
AA1 1 2 ? anti-parallel 
AA1 2 3 ? anti-parallel 
AA1 3 4 ? anti-parallel 
AA1 4 5 ? anti-parallel 
# 
loop_
_struct_sheet_range.sheet_id 
_struct_sheet_range.id 
_struct_sheet_range.beg_label_comp_id 
_struct_sheet_range.beg_label_asym_id 
_struct_sheet_range.beg_label_seq_id 
_struct_sheet_range.pdbx_beg_PDB_ins_code 
_struct_sheet_range.end_label_comp_id 
_struct_sheet_range.end_label_asym_id 
_struct_sheet_range.end_label_seq_id 
_struct_sheet_range.pdbx_end_PDB_ins_code 
_struct_sheet_range.beg_auth_comp_id 
_struct_sheet_range.beg_auth_asym_id 
_struct_sheet_range.beg_auth_seq_id 
_struct_sheet_range.end_auth_comp_id 
_struct_sheet_range.end_auth_asym_id 
_struct_sheet_range.end_auth_seq_id 
AA1 1 THR A 52 ? TYR A 56 ? THR A 52 TYR A 56 
AA1 2 VAL A 44 ? LYS A 48 ? VAL A 44 LYS A 48 
AA1 3 LYS A 32 ? PHE A 40 ? LYS A 32 PHE A 40 
AA1 4 VAL A 23 ? LEU A 27 ? VAL A 23 LEU A 27 
AA1 5 ILE A 60 ? PRO A 65 ? ILE A 60 PRO A 65 
# 
loop_
_pdbx_struct_sheet_hbond.sheet_id 
_pdbx_struct_sheet_hbond.range_id_1 
_pdbx_struct_sheet_hbond.range_id_2 
_pdbx_struct_sheet_hbond.range_1_label_atom_id 
_pdbx_struct_sheet_hbond.range_1_label_comp_id 
_pdbx_struct_sheet_hbond.range_1_label_asym_id 
_pdbx_struct_sheet_hbond.range_1_label_seq_id 
_pdbx_struct_sheet_hbond.range_1_PDB_ins_code 
_pdbx_struct_sheet_hbond.range_1_auth_atom_id 
_pdbx_struct_sheet_hbond.range_1_auth_comp_id 
_pdbx_struct_sheet_hbond.range_1_auth_asym_id 
_pdbx_struct_sheet_hbond.range_1_auth_seq_id 
_pdbx_struct_sheet_hbond.range_2_label_atom_id 
_pdbx_struct_sheet_hbond.range_2_label_comp_id 
_pdbx_struct_sheet_hbond.range_2_label_asym_id 
_pdbx_struct_sheet_hbond.range_2_label_seq_id 
_pdbx_struct_sheet_hbond.range_2_PDB_ins_code 
_pdbx_struct_sheet_hbond.range_2_auth_atom_id 
_pdbx_struct_sheet_hbond.range_2_auth_comp_id 
_pdbx_struct_sheet_hbond.range_2_auth_asym_id 
_pdbx_struct_sheet_hbond.range_2_auth_seq_id 
AA1 1 2 O VAL A 55 ? O VAL A 55 N VAL A 45 ? N VAL A 45 
AA1 2 3 O LEU A 46 ? O LEU A 46 N SER A 39 ? N SER A 39 
AA1 3 4 O LEU A 33 ? O LEU A 33 N ILE A 25 ? N ILE A 25 
AA1 4 5 N TYR A 26 ? N TYR A 26 O SER A 61 ? O SER A 61 
# 
loop_
_pdbx_validate_close_contact.id 
_pdbx_validate_close_contact.PDB_model_num 
_pdbx_validate_close_contact.auth_atom_id_1 
_pdbx_validate_close_contact.auth_asym_id_1 
_pdbx_validate_close_contact.auth_comp_id_1 
_pdbx_validate_close_contact.auth_seq_id_1 
_pdbx_validate_close_contact.PDB_ins_code_1 
_pdbx_validate_close_contact.label_alt_id_1 
_pdbx_validate_close_contact.auth_atom_id_2 
_pdbx_validate_close_contact.auth_asym_id_2 
_pdbx_validate_close_contact.auth_comp_id_2 
_pdbx_validate_close_contact.auth_seq_id_2 
_pdbx_validate_close_contact.PDB_ins_code_2 
_pdbx_validate_close_contact.label_alt_id_2 
_pdbx_validate_close_contact.dist 
1 1 O A HOH 223 ? ? O A HOH 272 ? ? 2.05 
2 1 O A HOH 243 ? ? O A HOH 292 ? ? 2.11 
3 1 O A HOH 232 ? ? O A HOH 294 ? ? 2.13 
4 1 O A HOH 201 ? ? O A HOH 281 ? ? 2.15 
5 1 O A HOH 299 ? ? O A HOH 305 ? ? 2.17 
6 1 O A HOH 301 ? ? O A HOH 310 ? ? 2.19 
# 
loop_
_pdbx_validate_symm_contact.id 
_pdbx_validate_symm_contact.PDB_model_num 
_pdbx_validate_symm_contact.auth_atom_id_1 
_pdbx_validate_symm_contact.auth_asym_id_1 
_pdbx_validate_symm_contact.auth_comp_id_1 
_pdbx_validate_symm_contact.auth_seq_id_1 
_pdbx_validate_symm_contact.PDB_ins_code_1 
_pdbx_validate_symm_contact.label_alt_id_1 
_pdbx_validate_symm_contact.site_symmetry_1 
_pdbx_validate_symm_contact.auth_atom_id_2 
_pdbx_validate_symm_contact.auth_asym_id_2 
_pdbx_validate_symm_contact.auth_comp_id_2 
_pdbx_validate_symm_contact.auth_seq_id_2 
_pdbx_validate_symm_contact.PDB_ins_code_2 
_pdbx_validate_symm_contact.label_alt_id_2 
_pdbx_validate_symm_contact.site_symmetry_2 
_pdbx_validate_symm_contact.dist 
1 1 O A HOH 211 ? ? 1_555 O A HOH 275 ? ? 4_665 2.08 
2 1 O A HOH 282 ? ? 1_555 O A HOH 289 ? ? 5_555 2.13 
3 1 O A HOH 293 ? ? 1_555 O A HOH 299 ? ? 5_555 2.16 
4 1 O A HOH 268 ? ? 1_555 O A HOH 303 ? ? 5_554 2.18 
5 1 O A HOH 272 ? ? 1_555 O A HOH 276 ? ? 5_555 2.19 
# 
loop_
_pdbx_validate_torsion.id 
_pdbx_validate_torsion.PDB_model_num 
_pdbx_validate_torsion.auth_comp_id 
_pdbx_validate_torsion.auth_asym_id 
_pdbx_validate_torsion.auth_seq_id 
_pdbx_validate_torsion.PDB_ins_code 
_pdbx_validate_torsion.label_alt_id 
_pdbx_validate_torsion.phi 
_pdbx_validate_torsion.psi 
1 1 ASP A 41 ? ? -138.39 -158.87 
2 1 ASN A 49 ? ? -138.61 -110.22 
# 
_pdbx_entry_details.entry_id                 8P91 
_pdbx_entry_details.has_ligand_of_interest   N 
_pdbx_entry_details.compound_details         ? 
_pdbx_entry_details.source_details           ? 
_pdbx_entry_details.nonpolymer_details       ? 
_pdbx_entry_details.sequence_details         ? 
# 
loop_
_pdbx_unobs_or_zero_occ_residues.id 
_pdbx_unobs_or_zero_occ_residues.PDB_model_num 
_pdbx_unobs_or_zero_occ_residues.polymer_flag 
_pdbx_unobs_or_zero_occ_residues.occupancy_flag 
_pdbx_unobs_or_zero_occ_residues.auth_asym_id 
_pdbx_unobs_or_zero_occ_residues.auth_comp_id 
_pdbx_unobs_or_zero_occ_residues.auth_seq_id 
_pdbx_unobs_or_zero_occ_residues.PDB_ins_code 
_pdbx_unobs_or_zero_occ_residues.label_asym_id 
_pdbx_unobs_or_zero_occ_residues.label_comp_id 
_pdbx_unobs_or_zero_occ_residues.label_seq_id 
1  1 Y 1 A MET 1  ? A MET 1  
2  1 Y 1 A SER 2  ? A SER 2  
3  1 Y 1 A SER 3  ? A SER 3  
4  1 Y 1 A LYS 4  ? A LYS 4  
5  1 Y 1 A PRO 72 ? A PRO 72 
6  1 Y 1 A HIS 73 ? A HIS 73 
7  1 Y 1 A GLU 74 ? A GLU 74 
8  1 Y 1 A HIS 75 ? A HIS 75 
9  1 Y 1 A PRO 76 ? A PRO 76 
10 1 Y 1 A VAL 77 ? A VAL 77 
11 1 Y 1 A GLN 78 ? A GLN 78 
12 1 Y 1 A LYS 79 ? A LYS 79 
13 1 Y 1 A GLN 80 ? A GLN 80 
14 1 Y 1 A GLU 81 ? A GLU 81 
15 1 Y 1 A GLN 82 ? A GLN 82 
16 1 Y 1 A GLN 83 ? A GLN 83 
17 1 Y 1 A ASP 84 ? A ASP 84 
18 1 Y 1 A ALA 85 ? A ALA 85 
# 
loop_
_chem_comp_atom.comp_id 
_chem_comp_atom.atom_id 
_chem_comp_atom.type_symbol 
_chem_comp_atom.pdbx_aromatic_flag 
_chem_comp_atom.pdbx_stereo_config 
_chem_comp_atom.pdbx_ordinal 
ALA N    N N N 1   
ALA CA   C N S 2   
ALA C    C N N 3   
ALA O    O N N 4   
ALA CB   C N N 5   
ALA OXT  O N N 6   
ALA H    H N N 7   
ALA H2   H N N 8   
ALA HA   H N N 9   
ALA HB1  H N N 10  
ALA HB2  H N N 11  
ALA HB3  H N N 12  
ALA HXT  H N N 13  
ARG N    N N N 14  
ARG CA   C N S 15  
ARG C    C N N 16  
ARG O    O N N 17  
ARG CB   C N N 18  
ARG CG   C N N 19  
ARG CD   C N N 20  
ARG NE   N N N 21  
ARG CZ   C N N 22  
ARG NH1  N N N 23  
ARG NH2  N N N 24  
ARG OXT  O N N 25  
ARG H    H N N 26  
ARG H2   H N N 27  
ARG HA   H N N 28  
ARG HB2  H N N 29  
ARG HB3  H N N 30  
ARG HG2  H N N 31  
ARG HG3  H N N 32  
ARG HD2  H N N 33  
ARG HD3  H N N 34  
ARG HE   H N N 35  
ARG HH11 H N N 36  
ARG HH12 H N N 37  
ARG HH21 H N N 38  
ARG HH22 H N N 39  
ARG HXT  H N N 40  
ASN N    N N N 41  
ASN CA   C N S 42  
ASN C    C N N 43  
ASN O    O N N 44  
ASN CB   C N N 45  
ASN CG   C N N 46  
ASN OD1  O N N 47  
ASN ND2  N N N 48  
ASN OXT  O N N 49  
ASN H    H N N 50  
ASN H2   H N N 51  
ASN HA   H N N 52  
ASN HB2  H N N 53  
ASN HB3  H N N 54  
ASN HD21 H N N 55  
ASN HD22 H N N 56  
ASN HXT  H N N 57  
ASP N    N N N 58  
ASP CA   C N S 59  
ASP C    C N N 60  
ASP O    O N N 61  
ASP CB   C N N 62  
ASP CG   C N N 63  
ASP OD1  O N N 64  
ASP OD2  O N N 65  
ASP OXT  O N N 66  
ASP H    H N N 67  
ASP H2   H N N 68  
ASP HA   H N N 69  
ASP HB2  H N N 70  
ASP HB3  H N N 71  
ASP HD2  H N N 72  
ASP HXT  H N N 73  
GLN N    N N N 74  
GLN CA   C N S 75  
GLN C    C N N 76  
GLN O    O N N 77  
GLN CB   C N N 78  
GLN CG   C N N 79  
GLN CD   C N N 80  
GLN OE1  O N N 81  
GLN NE2  N N N 82  
GLN OXT  O N N 83  
GLN H    H N N 84  
GLN H2   H N N 85  
GLN HA   H N N 86  
GLN HB2  H N N 87  
GLN HB3  H N N 88  
GLN HG2  H N N 89  
GLN HG3  H N N 90  
GLN HE21 H N N 91  
GLN HE22 H N N 92  
GLN HXT  H N N 93  
GLU N    N N N 94  
GLU CA   C N S 95  
GLU C    C N N 96  
GLU O    O N N 97  
GLU CB   C N N 98  
GLU CG   C N N 99  
GLU CD   C N N 100 
GLU OE1  O N N 101 
GLU OE2  O N N 102 
GLU OXT  O N N 103 
GLU H    H N N 104 
GLU H2   H N N 105 
GLU HA   H N N 106 
GLU HB2  H N N 107 
GLU HB3  H N N 108 
GLU HG2  H N N 109 
GLU HG3  H N N 110 
GLU HE2  H N N 111 
GLU HXT  H N N 112 
GLY N    N N N 113 
GLY CA   C N N 114 
GLY C    C N N 115 
GLY O    O N N 116 
GLY OXT  O N N 117 
GLY H    H N N 118 
GLY H2   H N N 119 
GLY HA2  H N N 120 
GLY HA3  H N N 121 
GLY HXT  H N N 122 
HIS N    N N N 123 
HIS CA   C N S 124 
HIS C    C N N 125 
HIS O    O N N 126 
HIS CB   C N N 127 
HIS CG   C Y N 128 
HIS ND1  N Y N 129 
HIS CD2  C Y N 130 
HIS CE1  C Y N 131 
HIS NE2  N Y N 132 
HIS OXT  O N N 133 
HIS H    H N N 134 
HIS H2   H N N 135 
HIS HA   H N N 136 
HIS HB2  H N N 137 
HIS HB3  H N N 138 
HIS HD1  H N N 139 
HIS HD2  H N N 140 
HIS HE1  H N N 141 
HIS HE2  H N N 142 
HIS HXT  H N N 143 
HOH O    O N N 144 
HOH H1   H N N 145 
HOH H2   H N N 146 
ILE N    N N N 147 
ILE CA   C N S 148 
ILE C    C N N 149 
ILE O    O N N 150 
ILE CB   C N S 151 
ILE CG1  C N N 152 
ILE CG2  C N N 153 
ILE CD1  C N N 154 
ILE OXT  O N N 155 
ILE H    H N N 156 
ILE H2   H N N 157 
ILE HA   H N N 158 
ILE HB   H N N 159 
ILE HG12 H N N 160 
ILE HG13 H N N 161 
ILE HG21 H N N 162 
ILE HG22 H N N 163 
ILE HG23 H N N 164 
ILE HD11 H N N 165 
ILE HD12 H N N 166 
ILE HD13 H N N 167 
ILE HXT  H N N 168 
LEU N    N N N 169 
LEU CA   C N S 170 
LEU C    C N N 171 
LEU O    O N N 172 
LEU CB   C N N 173 
LEU CG   C N N 174 
LEU CD1  C N N 175 
LEU CD2  C N N 176 
LEU OXT  O N N 177 
LEU H    H N N 178 
LEU H2   H N N 179 
LEU HA   H N N 180 
LEU HB2  H N N 181 
LEU HB3  H N N 182 
LEU HG   H N N 183 
LEU HD11 H N N 184 
LEU HD12 H N N 185 
LEU HD13 H N N 186 
LEU HD21 H N N 187 
LEU HD22 H N N 188 
LEU HD23 H N N 189 
LEU HXT  H N N 190 
LYS N    N N N 191 
LYS CA   C N S 192 
LYS C    C N N 193 
LYS O    O N N 194 
LYS CB   C N N 195 
LYS CG   C N N 196 
LYS CD   C N N 197 
LYS CE   C N N 198 
LYS NZ   N N N 199 
LYS OXT  O N N 200 
LYS H    H N N 201 
LYS H2   H N N 202 
LYS HA   H N N 203 
LYS HB2  H N N 204 
LYS HB3  H N N 205 
LYS HG2  H N N 206 
LYS HG3  H N N 207 
LYS HD2  H N N 208 
LYS HD3  H N N 209 
LYS HE2  H N N 210 
LYS HE3  H N N 211 
LYS HZ1  H N N 212 
LYS HZ2  H N N 213 
LYS HZ3  H N N 214 
LYS HXT  H N N 215 
MET N    N N N 216 
MET CA   C N S 217 
MET C    C N N 218 
MET O    O N N 219 
MET CB   C N N 220 
MET CG   C N N 221 
MET SD   S N N 222 
MET CE   C N N 223 
MET OXT  O N N 224 
MET H    H N N 225 
MET H2   H N N 226 
MET HA   H N N 227 
MET HB2  H N N 228 
MET HB3  H N N 229 
MET HG2  H N N 230 
MET HG3  H N N 231 
MET HE1  H N N 232 
MET HE2  H N N 233 
MET HE3  H N N 234 
MET HXT  H N N 235 
PHE N    N N N 236 
PHE CA   C N S 237 
PHE C    C N N 238 
PHE O    O N N 239 
PHE CB   C N N 240 
PHE CG   C Y N 241 
PHE CD1  C Y N 242 
PHE CD2  C Y N 243 
PHE CE1  C Y N 244 
PHE CE2  C Y N 245 
PHE CZ   C Y N 246 
PHE OXT  O N N 247 
PHE H    H N N 248 
PHE H2   H N N 249 
PHE HA   H N N 250 
PHE HB2  H N N 251 
PHE HB3  H N N 252 
PHE HD1  H N N 253 
PHE HD2  H N N 254 
PHE HE1  H N N 255 
PHE HE2  H N N 256 
PHE HZ   H N N 257 
PHE HXT  H N N 258 
PRO N    N N N 259 
PRO CA   C N S 260 
PRO C    C N N 261 
PRO O    O N N 262 
PRO CB   C N N 263 
PRO CG   C N N 264 
PRO CD   C N N 265 
PRO OXT  O N N 266 
PRO H    H N N 267 
PRO HA   H N N 268 
PRO HB2  H N N 269 
PRO HB3  H N N 270 
PRO HG2  H N N 271 
PRO HG3  H N N 272 
PRO HD2  H N N 273 
PRO HD3  H N N 274 
PRO HXT  H N N 275 
SER N    N N N 276 
SER CA   C N S 277 
SER C    C N N 278 
SER O    O N N 279 
SER CB   C N N 280 
SER OG   O N N 281 
SER OXT  O N N 282 
SER H    H N N 283 
SER H2   H N N 284 
SER HA   H N N 285 
SER HB2  H N N 286 
SER HB3  H N N 287 
SER HG   H N N 288 
SER HXT  H N N 289 
THR N    N N N 290 
THR CA   C N S 291 
THR C    C N N 292 
THR O    O N N 293 
THR CB   C N R 294 
THR OG1  O N N 295 
THR CG2  C N N 296 
THR OXT  O N N 297 
THR H    H N N 298 
THR H2   H N N 299 
THR HA   H N N 300 
THR HB   H N N 301 
THR HG1  H N N 302 
THR HG21 H N N 303 
THR HG22 H N N 304 
THR HG23 H N N 305 
THR HXT  H N N 306 
TYR N    N N N 307 
TYR CA   C N S 308 
TYR C    C N N 309 
TYR O    O N N 310 
TYR CB   C N N 311 
TYR CG   C Y N 312 
TYR CD1  C Y N 313 
TYR CD2  C Y N 314 
TYR CE1  C Y N 315 
TYR CE2  C Y N 316 
TYR CZ   C Y N 317 
TYR OH   O N N 318 
TYR OXT  O N N 319 
TYR H    H N N 320 
TYR H2   H N N 321 
TYR HA   H N N 322 
TYR HB2  H N N 323 
TYR HB3  H N N 324 
TYR HD1  H N N 325 
TYR HD2  H N N 326 
TYR HE1  H N N 327 
TYR HE2  H N N 328 
TYR HH   H N N 329 
TYR HXT  H N N 330 
VAL N    N N N 331 
VAL CA   C N S 332 
VAL C    C N N 333 
VAL O    O N N 334 
VAL CB   C N N 335 
VAL CG1  C N N 336 
VAL CG2  C N N 337 
VAL OXT  O N N 338 
VAL H    H N N 339 
VAL H2   H N N 340 
VAL HA   H N N 341 
VAL HB   H N N 342 
VAL HG11 H N N 343 
VAL HG12 H N N 344 
VAL HG13 H N N 345 
VAL HG21 H N N 346 
VAL HG22 H N N 347 
VAL HG23 H N N 348 
VAL HXT  H N N 349 
# 
loop_
_chem_comp_bond.comp_id 
_chem_comp_bond.atom_id_1 
_chem_comp_bond.atom_id_2 
_chem_comp_bond.value_order 
_chem_comp_bond.pdbx_aromatic_flag 
_chem_comp_bond.pdbx_stereo_config 
_chem_comp_bond.pdbx_ordinal 
ALA N   CA   sing N N 1   
ALA N   H    sing N N 2   
ALA N   H2   sing N N 3   
ALA CA  C    sing N N 4   
ALA CA  CB   sing N N 5   
ALA CA  HA   sing N N 6   
ALA C   O    doub N N 7   
ALA C   OXT  sing N N 8   
ALA CB  HB1  sing N N 9   
ALA CB  HB2  sing N N 10  
ALA CB  HB3  sing N N 11  
ALA OXT HXT  sing N N 12  
ARG N   CA   sing N N 13  
ARG N   H    sing N N 14  
ARG N   H2   sing N N 15  
ARG CA  C    sing N N 16  
ARG CA  CB   sing N N 17  
ARG CA  HA   sing N N 18  
ARG C   O    doub N N 19  
ARG C   OXT  sing N N 20  
ARG CB  CG   sing N N 21  
ARG CB  HB2  sing N N 22  
ARG CB  HB3  sing N N 23  
ARG CG  CD   sing N N 24  
ARG CG  HG2  sing N N 25  
ARG CG  HG3  sing N N 26  
ARG CD  NE   sing N N 27  
ARG CD  HD2  sing N N 28  
ARG CD  HD3  sing N N 29  
ARG NE  CZ   sing N N 30  
ARG NE  HE   sing N N 31  
ARG CZ  NH1  sing N N 32  
ARG CZ  NH2  doub N N 33  
ARG NH1 HH11 sing N N 34  
ARG NH1 HH12 sing N N 35  
ARG NH2 HH21 sing N N 36  
ARG NH2 HH22 sing N N 37  
ARG OXT HXT  sing N N 38  
ASN N   CA   sing N N 39  
ASN N   H    sing N N 40  
ASN N   H2   sing N N 41  
ASN CA  C    sing N N 42  
ASN CA  CB   sing N N 43  
ASN CA  HA   sing N N 44  
ASN C   O    doub N N 45  
ASN C   OXT  sing N N 46  
ASN CB  CG   sing N N 47  
ASN CB  HB2  sing N N 48  
ASN CB  HB3  sing N N 49  
ASN CG  OD1  doub N N 50  
ASN CG  ND2  sing N N 51  
ASN ND2 HD21 sing N N 52  
ASN ND2 HD22 sing N N 53  
ASN OXT HXT  sing N N 54  
ASP N   CA   sing N N 55  
ASP N   H    sing N N 56  
ASP N   H2   sing N N 57  
ASP CA  C    sing N N 58  
ASP CA  CB   sing N N 59  
ASP CA  HA   sing N N 60  
ASP C   O    doub N N 61  
ASP C   OXT  sing N N 62  
ASP CB  CG   sing N N 63  
ASP CB  HB2  sing N N 64  
ASP CB  HB3  sing N N 65  
ASP CG  OD1  doub N N 66  
ASP CG  OD2  sing N N 67  
ASP OD2 HD2  sing N N 68  
ASP OXT HXT  sing N N 69  
GLN N   CA   sing N N 70  
GLN N   H    sing N N 71  
GLN N   H2   sing N N 72  
GLN CA  C    sing N N 73  
GLN CA  CB   sing N N 74  
GLN CA  HA   sing N N 75  
GLN C   O    doub N N 76  
GLN C   OXT  sing N N 77  
GLN CB  CG   sing N N 78  
GLN CB  HB2  sing N N 79  
GLN CB  HB3  sing N N 80  
GLN CG  CD   sing N N 81  
GLN CG  HG2  sing N N 82  
GLN CG  HG3  sing N N 83  
GLN CD  OE1  doub N N 84  
GLN CD  NE2  sing N N 85  
GLN NE2 HE21 sing N N 86  
GLN NE2 HE22 sing N N 87  
GLN OXT HXT  sing N N 88  
GLU N   CA   sing N N 89  
GLU N   H    sing N N 90  
GLU N   H2   sing N N 91  
GLU CA  C    sing N N 92  
GLU CA  CB   sing N N 93  
GLU CA  HA   sing N N 94  
GLU C   O    doub N N 95  
GLU C   OXT  sing N N 96  
GLU CB  CG   sing N N 97  
GLU CB  HB2  sing N N 98  
GLU CB  HB3  sing N N 99  
GLU CG  CD   sing N N 100 
GLU CG  HG2  sing N N 101 
GLU CG  HG3  sing N N 102 
GLU CD  OE1  doub N N 103 
GLU CD  OE2  sing N N 104 
GLU OE2 HE2  sing N N 105 
GLU OXT HXT  sing N N 106 
GLY N   CA   sing N N 107 
GLY N   H    sing N N 108 
GLY N   H2   sing N N 109 
GLY CA  C    sing N N 110 
GLY CA  HA2  sing N N 111 
GLY CA  HA3  sing N N 112 
GLY C   O    doub N N 113 
GLY C   OXT  sing N N 114 
GLY OXT HXT  sing N N 115 
HIS N   CA   sing N N 116 
HIS N   H    sing N N 117 
HIS N   H2   sing N N 118 
HIS CA  C    sing N N 119 
HIS CA  CB   sing N N 120 
HIS CA  HA   sing N N 121 
HIS C   O    doub N N 122 
HIS C   OXT  sing N N 123 
HIS CB  CG   sing N N 124 
HIS CB  HB2  sing N N 125 
HIS CB  HB3  sing N N 126 
HIS CG  ND1  sing Y N 127 
HIS CG  CD2  doub Y N 128 
HIS ND1 CE1  doub Y N 129 
HIS ND1 HD1  sing N N 130 
HIS CD2 NE2  sing Y N 131 
HIS CD2 HD2  sing N N 132 
HIS CE1 NE2  sing Y N 133 
HIS CE1 HE1  sing N N 134 
HIS NE2 HE2  sing N N 135 
HIS OXT HXT  sing N N 136 
HOH O   H1   sing N N 137 
HOH O   H2   sing N N 138 
ILE N   CA   sing N N 139 
ILE N   H    sing N N 140 
ILE N   H2   sing N N 141 
ILE CA  C    sing N N 142 
ILE CA  CB   sing N N 143 
ILE CA  HA   sing N N 144 
ILE C   O    doub N N 145 
ILE C   OXT  sing N N 146 
ILE CB  CG1  sing N N 147 
ILE CB  CG2  sing N N 148 
ILE CB  HB   sing N N 149 
ILE CG1 CD1  sing N N 150 
ILE CG1 HG12 sing N N 151 
ILE CG1 HG13 sing N N 152 
ILE CG2 HG21 sing N N 153 
ILE CG2 HG22 sing N N 154 
ILE CG2 HG23 sing N N 155 
ILE CD1 HD11 sing N N 156 
ILE CD1 HD12 sing N N 157 
ILE CD1 HD13 sing N N 158 
ILE OXT HXT  sing N N 159 
LEU N   CA   sing N N 160 
LEU N   H    sing N N 161 
LEU N   H2   sing N N 162 
LEU CA  C    sing N N 163 
LEU CA  CB   sing N N 164 
LEU CA  HA   sing N N 165 
LEU C   O    doub N N 166 
LEU C   OXT  sing N N 167 
LEU CB  CG   sing N N 168 
LEU CB  HB2  sing N N 169 
LEU CB  HB3  sing N N 170 
LEU CG  CD1  sing N N 171 
LEU CG  CD2  sing N N 172 
LEU CG  HG   sing N N 173 
LEU CD1 HD11 sing N N 174 
LEU CD1 HD12 sing N N 175 
LEU CD1 HD13 sing N N 176 
LEU CD2 HD21 sing N N 177 
LEU CD2 HD22 sing N N 178 
LEU CD2 HD23 sing N N 179 
LEU OXT HXT  sing N N 180 
LYS N   CA   sing N N 181 
LYS N   H    sing N N 182 
LYS N   H2   sing N N 183 
LYS CA  C    sing N N 184 
LYS CA  CB   sing N N 185 
LYS CA  HA   sing N N 186 
LYS C   O    doub N N 187 
LYS C   OXT  sing N N 188 
LYS CB  CG   sing N N 189 
LYS CB  HB2  sing N N 190 
LYS CB  HB3  sing N N 191 
LYS CG  CD   sing N N 192 
LYS CG  HG2  sing N N 193 
LYS CG  HG3  sing N N 194 
LYS CD  CE   sing N N 195 
LYS CD  HD2  sing N N 196 
LYS CD  HD3  sing N N 197 
LYS CE  NZ   sing N N 198 
LYS CE  HE2  sing N N 199 
LYS CE  HE3  sing N N 200 
LYS NZ  HZ1  sing N N 201 
LYS NZ  HZ2  sing N N 202 
LYS NZ  HZ3  sing N N 203 
LYS OXT HXT  sing N N 204 
MET N   CA   sing N N 205 
MET N   H    sing N N 206 
MET N   H2   sing N N 207 
MET CA  C    sing N N 208 
MET CA  CB   sing N N 209 
MET CA  HA   sing N N 210 
MET C   O    doub N N 211 
MET C   OXT  sing N N 212 
MET CB  CG   sing N N 213 
MET CB  HB2  sing N N 214 
MET CB  HB3  sing N N 215 
MET CG  SD   sing N N 216 
MET CG  HG2  sing N N 217 
MET CG  HG3  sing N N 218 
MET SD  CE   sing N N 219 
MET CE  HE1  sing N N 220 
MET CE  HE2  sing N N 221 
MET CE  HE3  sing N N 222 
MET OXT HXT  sing N N 223 
PHE N   CA   sing N N 224 
PHE N   H    sing N N 225 
PHE N   H2   sing N N 226 
PHE CA  C    sing N N 227 
PHE CA  CB   sing N N 228 
PHE CA  HA   sing N N 229 
PHE C   O    doub N N 230 
PHE C   OXT  sing N N 231 
PHE CB  CG   sing N N 232 
PHE CB  HB2  sing N N 233 
PHE CB  HB3  sing N N 234 
PHE CG  CD1  doub Y N 235 
PHE CG  CD2  sing Y N 236 
PHE CD1 CE1  sing Y N 237 
PHE CD1 HD1  sing N N 238 
PHE CD2 CE2  doub Y N 239 
PHE CD2 HD2  sing N N 240 
PHE CE1 CZ   doub Y N 241 
PHE CE1 HE1  sing N N 242 
PHE CE2 CZ   sing Y N 243 
PHE CE2 HE2  sing N N 244 
PHE CZ  HZ   sing N N 245 
PHE OXT HXT  sing N N 246 
PRO N   CA   sing N N 247 
PRO N   CD   sing N N 248 
PRO N   H    sing N N 249 
PRO CA  C    sing N N 250 
PRO CA  CB   sing N N 251 
PRO CA  HA   sing N N 252 
PRO C   O    doub N N 253 
PRO C   OXT  sing N N 254 
PRO CB  CG   sing N N 255 
PRO CB  HB2  sing N N 256 
PRO CB  HB3  sing N N 257 
PRO CG  CD   sing N N 258 
PRO CG  HG2  sing N N 259 
PRO CG  HG3  sing N N 260 
PRO CD  HD2  sing N N 261 
PRO CD  HD3  sing N N 262 
PRO OXT HXT  sing N N 263 
SER N   CA   sing N N 264 
SER N   H    sing N N 265 
SER N   H2   sing N N 266 
SER CA  C    sing N N 267 
SER CA  CB   sing N N 268 
SER CA  HA   sing N N 269 
SER C   O    doub N N 270 
SER C   OXT  sing N N 271 
SER CB  OG   sing N N 272 
SER CB  HB2  sing N N 273 
SER CB  HB3  sing N N 274 
SER OG  HG   sing N N 275 
SER OXT HXT  sing N N 276 
THR N   CA   sing N N 277 
THR N   H    sing N N 278 
THR N   H2   sing N N 279 
THR CA  C    sing N N 280 
THR CA  CB   sing N N 281 
THR CA  HA   sing N N 282 
THR C   O    doub N N 283 
THR C   OXT  sing N N 284 
THR CB  OG1  sing N N 285 
THR CB  CG2  sing N N 286 
THR CB  HB   sing N N 287 
THR OG1 HG1  sing N N 288 
THR CG2 HG21 sing N N 289 
THR CG2 HG22 sing N N 290 
THR CG2 HG23 sing N N 291 
THR OXT HXT  sing N N 292 
TYR N   CA   sing N N 293 
TYR N   H    sing N N 294 
TYR N   H2   sing N N 295 
TYR CA  C    sing N N 296 
TYR CA  CB   sing N N 297 
TYR CA  HA   sing N N 298 
TYR C   O    doub N N 299 
TYR C   OXT  sing N N 300 
TYR CB  CG   sing N N 301 
TYR CB  HB2  sing N N 302 
TYR CB  HB3  sing N N 303 
TYR CG  CD1  doub Y N 304 
TYR CG  CD2  sing Y N 305 
TYR CD1 CE1  sing Y N 306 
TYR CD1 HD1  sing N N 307 
TYR CD2 CE2  doub Y N 308 
TYR CD2 HD2  sing N N 309 
TYR CE1 CZ   doub Y N 310 
TYR CE1 HE1  sing N N 311 
TYR CE2 CZ   sing Y N 312 
TYR CE2 HE2  sing N N 313 
TYR CZ  OH   sing N N 314 
TYR OH  HH   sing N N 315 
TYR OXT HXT  sing N N 316 
VAL N   CA   sing N N 317 
VAL N   H    sing N N 318 
VAL N   H2   sing N N 319 
VAL CA  C    sing N N 320 
VAL CA  CB   sing N N 321 
VAL CA  HA   sing N N 322 
VAL C   O    doub N N 323 
VAL C   OXT  sing N N 324 
VAL CB  CG1  sing N N 325 
VAL CB  CG2  sing N N 326 
VAL CB  HB   sing N N 327 
VAL CG1 HG11 sing N N 328 
VAL CG1 HG12 sing N N 329 
VAL CG1 HG13 sing N N 330 
VAL CG2 HG21 sing N N 331 
VAL CG2 HG22 sing N N 332 
VAL CG2 HG23 sing N N 333 
VAL OXT HXT  sing N N 334 
# 
_pdbx_audit_support.funding_organization   'Ministry of Education and Science of the Russian Federation' 
_pdbx_audit_support.country                'Russian Federation' 
_pdbx_audit_support.grant_number           ? 
_pdbx_audit_support.ordinal                1 
# 
_pdbx_initial_refinement_model.id               1 
_pdbx_initial_refinement_model.entity_id_list   1 
_pdbx_initial_refinement_model.type             'experimental model' 
_pdbx_initial_refinement_model.source_name      PDB 
_pdbx_initial_refinement_model.accession_code   1U1S 
_pdbx_initial_refinement_model.details          monomer 
# 
_atom_sites.entry_id                    8P91 
_atom_sites.Cartn_transf_matrix[1][1]   ? 
_atom_sites.Cartn_transf_matrix[1][2]   ? 
_atom_sites.Cartn_transf_matrix[1][3]   ? 
_atom_sites.Cartn_transf_matrix[2][1]   ? 
_atom_sites.Cartn_transf_matrix[2][2]   ? 
_atom_sites.Cartn_transf_matrix[2][3]   ? 
_atom_sites.Cartn_transf_matrix[3][1]   ? 
_atom_sites.Cartn_transf_matrix[3][2]   ? 
_atom_sites.Cartn_transf_matrix[3][3]   ? 
_atom_sites.Cartn_transf_vector[1]      ? 
_atom_sites.Cartn_transf_vector[2]      ? 
_atom_sites.Cartn_transf_vector[3]      ? 
_atom_sites.fract_transf_matrix[1][1]   -0.00548694 
_atom_sites.fract_transf_matrix[1][2]   0.00178881 
_atom_sites.fract_transf_matrix[1][3]   0.01675861 
_atom_sites.fract_transf_matrix[2][1]   0.01175266 
_atom_sites.fract_transf_matrix[2][2]   0.00318117 
_atom_sites.fract_transf_matrix[2][3]   0.01288141 
_atom_sites.fract_transf_matrix[3][1]   -0.00401934 
_atom_sites.fract_transf_matrix[3][2]   0.03553832 
_atom_sites.fract_transf_matrix[3][3]   -0.00510933 
_atom_sites.fract_transf_vector[1]      0.302748 
_atom_sites.fract_transf_vector[2]      0.280169 
_atom_sites.fract_transf_vector[3]      -0.143714 
_atom_sites.solution_primary            ? 
_atom_sites.solution_secondary          ? 
_atom_sites.solution_hydrogens          ? 
_atom_sites.special_details             ? 
# 
loop_
_atom_type.symbol 
C  
N  
NA 
O  
S  
# 
loop_
_atom_site.group_PDB 
_atom_site.id 
_atom_site.type_symbol 
_atom_site.label_atom_id 
_atom_site.label_alt_id 
_atom_site.label_comp_id 
_atom_site.label_asym_id 
_atom_site.label_entity_id 
_atom_site.label_seq_id 
_atom_site.pdbx_PDB_ins_code 
_atom_site.Cartn_x 
_atom_site.Cartn_y 
_atom_site.Cartn_z 
_atom_site.occupancy 
_atom_site.B_iso_or_equiv 
_atom_site.pdbx_formal_charge 
_atom_site.auth_seq_id 
_atom_site.auth_comp_id 
_atom_site.auth_asym_id 
_atom_site.auth_atom_id 
_atom_site.pdbx_PDB_model_num 
ATOM   1   N N   . GLY A 1 5  ? -17.464 8.231   -4.893  1.00 7.79  ? 5   GLY A N   1 
ATOM   2   C CA  . GLY A 1 5  ? -16.785 9.168   -4.016  1.00 6.92  ? 5   GLY A CA  1 
ATOM   3   C C   . GLY A 1 5  ? -15.641 9.840   -4.747  1.00 6.77  ? 5   GLY A C   1 
ATOM   4   O O   . GLY A 1 5  ? -15.510 9.676   -5.947  1.00 6.71  ? 5   GLY A O   1 
ATOM   5   N N   . GLN A 1 6  ? -14.820 10.597  -4.020  1.00 6.34  ? 6   GLN A N   1 
ATOM   6   C CA  . GLN A 1 6  ? -13.714 11.337  -4.611  1.00 6.44  ? 6   GLN A CA  1 
ATOM   7   C C   . GLN A 1 6  ? -12.537 11.379  -3.642  1.00 6.34  ? 6   GLN A C   1 
ATOM   8   O O   . GLN A 1 6  ? -12.725 11.480  -2.428  1.00 5.93  ? 6   GLN A O   1 
ATOM   9   C CB  . GLN A 1 6  ? -14.134 12.772  -4.950  1.00 6.12  ? 6   GLN A CB  1 
ATOM   10  C CG  . GLN A 1 6  ? -14.580 13.572  -3.708  1.00 7.85  ? 6   GLN A CG  1 
ATOM   11  C CD  . GLN A 1 6  ? -15.469 14.753  -4.033  1.00 6.82  ? 6   GLN A CD  1 
ATOM   12  O OE1 . GLN A 1 6  ? -16.530 14.598  -4.625  1.00 7.44  ? 6   GLN A OE1 1 
ATOM   13  N NE2 . GLN A 1 6  ? -15.058 15.939  -3.603  1.00 6.55  ? 6   GLN A NE2 1 
ATOM   14  N N   . MET A 1 7  ? -11.329 11.299  -4.200  1.00 6.22  ? 7   MET A N   1 
ATOM   15  C CA  A MET A 1 7  ? -10.081 11.446  -3.453  0.19 5.83  ? 7   MET A CA  1 
ATOM   16  C CA  B MET A 1 7  ? -10.080 11.448  -3.456  0.81 5.96  ? 7   MET A CA  1 
ATOM   17  C C   . MET A 1 7  ? -10.067 10.576  -2.196  1.00 6.62  ? 7   MET A C   1 
ATOM   18  O O   . MET A 1 7  ? -9.937  11.059  -1.070  1.00 7.66  ? 7   MET A O   1 
ATOM   19  C CB  A MET A 1 7  ? -9.802  12.916  -3.123  0.19 6.60  ? 7   MET A CB  1 
ATOM   20  C CB  B MET A 1 7  ? -9.815  12.927  -3.149  0.81 6.61  ? 7   MET A CB  1 
ATOM   21  C CG  A MET A 1 7  ? -9.221  13.714  -4.273  0.19 7.50  ? 7   MET A CG  1 
ATOM   22  C CG  B MET A 1 7  ? -9.760  13.794  -4.399  0.81 7.05  ? 7   MET A CG  1 
ATOM   23  S SD  A MET A 1 7  ? -10.475 14.385  -5.373  0.19 6.53  ? 7   MET A SD  1 
ATOM   24  S SD  B MET A 1 7  ? -10.088 15.541  -4.093  0.81 9.15  ? 7   MET A SD  1 
ATOM   25  C CE  A MET A 1 7  ? -9.745  15.962  -5.810  0.19 6.38  ? 7   MET A CE  1 
ATOM   26  C CE  B MET A 1 7  ? -9.986  16.203  -5.752  0.81 6.43  ? 7   MET A CE  1 
ATOM   27  N N   . LEU A 1 8  ? -10.197 9.264   -2.409  1.00 5.48  ? 8   LEU A N   1 
ATOM   28  C CA  . LEU A 1 8  ? -10.181 8.286   -1.328  1.00 5.39  ? 8   LEU A CA  1 
ATOM   29  C C   . LEU A 1 8  ? -8.915  7.437   -1.305  1.00 5.27  ? 8   LEU A C   1 
ATOM   30  O O   . LEU A 1 8  ? -8.512  6.967   -0.233  1.00 5.95  ? 8   LEU A O   1 
ATOM   31  C CB  . LEU A 1 8  ? -11.410 7.365   -1.402  1.00 6.40  ? 8   LEU A CB  1 
ATOM   32  C CG  . LEU A 1 8  ? -12.743 8.120   -1.346  1.00 8.24  ? 8   LEU A CG  1 
ATOM   33  C CD1 . LEU A 1 8  ? -13.934 7.180   -1.413  1.00 9.19  ? 8   LEU A CD1 1 
ATOM   34  C CD2 . LEU A 1 8  ? -12.832 9.007   -0.118  1.00 10.82 ? 8   LEU A CD2 1 
ATOM   35  N N   . GLN A 1 9  ? -8.275  7.241   -2.458  1.00 4.73  ? 9   GLN A N   1 
ATOM   36  C CA  . GLN A 1 9  ? -7.017  6.500   -2.514  1.00 4.36  ? 9   GLN A CA  1 
ATOM   37  C C   . GLN A 1 9  ? -5.994  7.045   -1.528  1.00 5.24  ? 9   GLN A C   1 
ATOM   38  O O   . GLN A 1 9  ? -5.451  6.308   -0.701  1.00 5.45  ? 9   GLN A O   1 
ATOM   39  C CB  . GLN A 1 9  ? -6.430  6.586   -3.916  1.00 3.91  ? 9   GLN A CB  1 
ATOM   40  C CG  . GLN A 1 9  ? -5.417  5.527   -4.214  1.00 4.10  ? 9   GLN A CG  1 
ATOM   41  C CD  . GLN A 1 9  ? -4.618  5.845   -5.462  1.00 5.06  ? 9   GLN A CD  1 
ATOM   42  O OE1 . GLN A 1 9  ? -3.491  5.389   -5.634  1.00 5.05  ? 9   GLN A OE1 1 
ATOM   43  N NE2 . GLN A 1 9  ? -5.186  6.670   -6.320  1.00 5.34  ? 9   GLN A NE2 1 
ATOM   44  N N   . ASP A 1 10 ? -5.686  8.338   -1.632  1.00 5.66  ? 10  ASP A N   1 
ATOM   45  C CA  . ASP A 1 10 ? -4.629  8.907   -0.802  1.00 6.15  ? 10  ASP A CA  1 
ATOM   46  C C   . ASP A 1 10 ? -4.944  8.870   0.680   1.00 5.84  ? 10  ASP A C   1 
ATOM   47  O O   . ASP A 1 10 ? -4.048  8.517   1.462   1.00 5.34  ? 10  ASP A O   1 
ATOM   48  C CB  . ASP A 1 10 ? -4.238  10.311  -1.266  1.00 5.85  ? 10  ASP A CB  1 
ATOM   49  C CG  . ASP A 1 10 ? -3.597  10.308  -2.630  1.00 8.17  ? 10  ASP A CG  1 
ATOM   50  O OD1 . ASP A 1 10 ? -3.314  9.216   -3.154  1.00 7.25  ? 10  ASP A OD1 1 
ATOM   51  O OD2 . ASP A 1 10 ? -3.357  11.408  -3.160  1.00 10.56 ? 10  ASP A OD2 1 
ATOM   52  N N   . PRO A 1 11 ? -6.148  9.238   1.143   1.00 6.03  ? 11  PRO A N   1 
ATOM   53  C CA  . PRO A 1 11 ? -6.442  9.061   2.573   1.00 6.59  ? 11  PRO A CA  1 
ATOM   54  C C   . PRO A 1 11 ? -6.230  7.640   3.058   1.00 6.55  ? 11  PRO A C   1 
ATOM   55  O O   . PRO A 1 11 ? -5.710  7.421   4.159   1.00 6.24  ? 11  PRO A O   1 
ATOM   56  C CB  . PRO A 1 11 ? -7.907  9.501   2.680   1.00 8.45  ? 11  PRO A CB  1 
ATOM   57  C CG  . PRO A 1 11 ? -8.047  10.521  1.582   1.00 7.88  ? 11  PRO A CG  1 
ATOM   58  C CD  . PRO A 1 11 ? -7.237  9.957   0.450   1.00 6.96  ? 11  PRO A CD  1 
ATOM   59  N N   . PHE A 1 12 ? -6.589  6.658   2.242   1.00 5.62  ? 12  PHE A N   1 
ATOM   60  C CA  . PHE A 1 12 ? -6.407  5.271   2.640   1.00 5.69  ? 12  PHE A CA  1 
ATOM   61  C C   . PHE A 1 12 ? -4.928  4.935   2.770   1.00 5.27  ? 12  PHE A C   1 
ATOM   62  O O   . PHE A 1 12 ? -4.467  4.504   3.836   1.00 5.57  ? 12  PHE A O   1 
ATOM   63  C CB  . PHE A 1 12 ? -7.118  4.359   1.643   1.00 6.00  ? 12  PHE A CB  1 
ATOM   64  C CG  . PHE A 1 12 ? -7.270  2.944   2.115   1.00 6.00  ? 12  PHE A CG  1 
ATOM   65  C CD1 . PHE A 1 12 ? -8.351  2.575   2.890   1.00 7.69  ? 12  PHE A CD1 1 
ATOM   66  C CD2 . PHE A 1 12 ? -6.354  1.972   1.754   1.00 5.71  ? 12  PHE A CD2 1 
ATOM   67  C CE1 . PHE A 1 12 ? -8.498  1.271   3.312   1.00 8.14  ? 12  PHE A CE1 1 
ATOM   68  C CE2 . PHE A 1 12 ? -6.507  0.671   2.179   1.00 5.93  ? 12  PHE A CE2 1 
ATOM   69  C CZ  . PHE A 1 12 ? -7.572  0.327   2.953   1.00 6.11  ? 12  PHE A CZ  1 
ATOM   70  N N   . LEU A 1 13 ? -4.156  5.160   1.704   1.00 4.68  ? 13  LEU A N   1 
ATOM   71  C CA  . LEU A 1 13 ? -2.720  4.920   1.765   1.00 4.84  ? 13  LEU A CA  1 
ATOM   72  C C   . LEU A 1 13 ? -2.069  5.711   2.896   1.00 5.01  ? 13  LEU A C   1 
ATOM   73  O O   . LEU A 1 13 ? -1.104  5.246   3.507   1.00 5.52  ? 13  LEU A O   1 
ATOM   74  C CB  . LEU A 1 13 ? -2.074  5.290   0.433   1.00 4.85  ? 13  LEU A CB  1 
ATOM   75  C CG  . LEU A 1 13 ? -2.427  4.397   -0.751  1.00 5.42  ? 13  LEU A CG  1 
ATOM   76  C CD1 . LEU A 1 13 ? -1.864  4.994   -2.022  1.00 5.35  ? 13  LEU A CD1 1 
ATOM   77  C CD2 . LEU A 1 13 ? -1.888  3.010   -0.513  1.00 5.59  ? 13  LEU A CD2 1 
ATOM   78  N N   . ASN A 1 14 ? -2.589  6.901   3.194   1.00 4.19  ? 14  ASN A N   1 
ATOM   79  C CA  . ASN A 1 14 ? -1.935  7.760   4.177   1.00 5.02  ? 14  ASN A CA  1 
ATOM   80  C C   . ASN A 1 14 ? -2.166  7.257   5.600   1.00 5.12  ? 14  ASN A C   1 
ATOM   81  O O   . ASN A 1 14 ? -1.274  7.381   6.450   1.00 5.97  ? 14  ASN A O   1 
ATOM   82  C CB  . ASN A 1 14 ? -2.418  9.200   4.043   1.00 7.12  ? 14  ASN A CB  1 
ATOM   83  C CG  . ASN A 1 14 ? -1.449  10.063  3.271   1.00 8.13  ? 14  ASN A CG  1 
ATOM   84  O OD1 . ASN A 1 14 ? -0.221  9.961   3.425   1.00 10.35 ? 14  ASN A OD1 1 
ATOM   85  N ND2 . ASN A 1 14 ? -1.996  10.945  2.445   1.00 8.61  ? 14  ASN A ND2 1 
ATOM   86  N N   . ILE A 1 15 ? -3.358  6.723   5.897   1.00 5.92  ? 15  ILE A N   1 
ATOM   87  C CA  . ILE A 1 15 ? -3.540  6.058   7.188   1.00 5.69  ? 15  ILE A CA  1 
ATOM   88  C C   . ILE A 1 15 ? -2.620  4.854   7.310   1.00 5.93  ? 15  ILE A C   1 
ATOM   89  O O   . ILE A 1 15 ? -1.985  4.645   8.349   1.00 6.29  ? 15  ILE A O   1 
ATOM   90  C CB  . ILE A 1 15 ? -5.015  5.736   7.501   1.00 6.64  ? 15  ILE A CB  1 
ATOM   91  C CG1 . ILE A 1 15 ? -5.922  6.923   7.198   1.00 10.20 ? 15  ILE A CG1 1 
ATOM   92  C CG2 . ILE A 1 15 ? -5.184  5.266   8.931   1.00 10.17 ? 15  ILE A CG2 1 
ATOM   93  C CD1 . ILE A 1 15 ? -7.385  6.570   7.228   1.00 15.20 ? 15  ILE A CD1 1 
ATOM   94  N N   . LEU A 1 16 ? -2.522  4.050   6.253   1.00 5.11  ? 16  LEU A N   1 
ATOM   95  C CA  . LEU A 1 16 ? -1.627  2.903   6.308   1.00 5.18  ? 16  LEU A CA  1 
ATOM   96  C C   . LEU A 1 16 ? -0.185  3.338   6.560   1.00 5.43  ? 16  LEU A C   1 
ATOM   97  O O   . LEU A 1 16 ? 0.533   2.709   7.348   1.00 5.97  ? 16  LEU A O   1 
ATOM   98  C CB  . LEU A 1 16 ? -1.744  2.086   5.025   1.00 5.26  ? 16  LEU A CB  1 
ATOM   99  C CG  . LEU A 1 16 ? -3.129  1.494   4.746   1.00 5.66  ? 16  LEU A CG  1 
ATOM   100 C CD1 . LEU A 1 16 ? -3.154  0.789   3.388   1.00 6.49  ? 16  LEU A CD1 1 
ATOM   101 C CD2 . LEU A 1 16 ? -3.567  0.556   5.841   1.00 6.68  ? 16  LEU A CD2 1 
ATOM   102 N N   . ARG A 1 17 ? 0.250   4.427   5.919   1.00 3.88  ? 17  ARG A N   1 
ATOM   103 C CA  . ARG A 1 17 ? 1.611   4.915   6.114   1.00 4.44  ? 17  ARG A CA  1 
ATOM   104 C C   . ARG A 1 17 ? 1.796   5.489   7.516   1.00 5.80  ? 17  ARG A C   1 
ATOM   105 O O   . ARG A 1 17 ? 2.695   5.068   8.256   1.00 6.78  ? 17  ARG A O   1 
ATOM   106 C CB  . ARG A 1 17 ? 1.967   5.955   5.050   1.00 5.55  ? 17  ARG A CB  1 
ATOM   107 C CG  . ARG A 1 17 ? 3.356   6.550   5.197   1.00 7.71  ? 17  ARG A CG  1 
ATOM   108 C CD  . ARG A 1 17 ? 3.592   7.652   4.171   1.00 8.41  ? 17  ARG A CD  1 
ATOM   109 N NE  . ARG A 1 17 ? 2.688   8.776   4.377   1.00 12.05 ? 17  ARG A NE  1 
ATOM   110 C CZ  . ARG A 1 17 ? 2.855   9.737   5.274   1.00 13.84 ? 17  ARG A CZ  1 
ATOM   111 N NH1 . ARG A 1 17 ? 3.903   9.755   6.079   1.00 15.80 ? 17  ARG A NH1 1 
ATOM   112 N NH2 . ARG A 1 17 ? 1.952   10.714  5.357   1.00 14.45 ? 17  ARG A NH2 1 
ATOM   113 N N   . LYS A 1 18 ? 0.951   6.446   7.906   1.00 6.56  ? 18  LYS A N   1 
ATOM   114 C CA  . LYS A 1 18 ? 1.162   7.114   9.187   1.00 7.29  ? 18  LYS A CA  1 
ATOM   115 C C   . LYS A 1 18 ? 1.011   6.160   10.354  1.00 6.94  ? 18  LYS A C   1 
ATOM   116 O O   . LYS A 1 18 ? 1.707   6.302   11.363  1.00 8.80  ? 18  LYS A O   1 
ATOM   117 C CB  . LYS A 1 18 ? 0.206   8.290   9.364   1.00 9.20  ? 18  LYS A CB  1 
ATOM   118 C CG  . LYS A 1 18 ? 0.536   9.491   8.512   1.00 12.30 ? 18  LYS A CG  1 
ATOM   119 C CD  . LYS A 1 18 ? -0.614  10.478  8.511   1.00 15.01 ? 18  LYS A CD  1 
ATOM   120 C CE  . LYS A 1 18 ? -0.981  10.869  9.938   1.00 18.46 ? 18  LYS A CE  1 
ATOM   121 N NZ  . LYS A 1 18 ? -1.385  12.304  10.060  1.00 25.23 ? 18  LYS A NZ  1 
ATOM   122 N N   . GLU A 1 19 ? 0.130   5.187   10.231  1.00 5.63  ? 19  GLU A N   1 
ATOM   123 C CA  . GLU A 1 19 ? -0.197  4.301   11.332  1.00 6.66  ? 19  GLU A CA  1 
ATOM   124 C C   . GLU A 1 19 ? 0.613   3.007   11.256  1.00 5.08  ? 19  GLU A C   1 
ATOM   125 O O   . GLU A 1 19 ? 0.437   2.119   12.096  1.00 5.72  ? 19  GLU A O   1 
ATOM   126 C CB  . GLU A 1 19 ? -1.707  4.053   11.274  1.00 7.48  ? 19  GLU A CB  1 
ATOM   127 C CG  . GLU A 1 19 ? -2.473  5.211   11.907  1.00 9.09  ? 19  GLU A CG  1 
ATOM   128 C CD  . GLU A 1 19 ? -3.967  4.966   12.071  1.00 13.46 ? 19  GLU A CD  1 
ATOM   129 O OE1 . GLU A 1 19 ? -4.417  3.805   11.998  1.00 15.13 ? 19  GLU A OE1 1 
ATOM   130 O OE2 . GLU A 1 19 ? -4.708  5.966   12.229  1.00 15.39 ? 19  GLU A OE2 1 
ATOM   131 N N   . HIS A 1 20 ? 1.513   2.909   10.279  1.00 6.08  ? 20  HIS A N   1 
ATOM   132 C CA  . HIS A 1 20 ? 2.389   1.756   10.096  1.00 5.43  ? 20  HIS A CA  1 
ATOM   133 C C   . HIS A 1 20 ? 1.609   0.450   10.135  1.00 5.87  ? 20  HIS A C   1 
ATOM   134 O O   . HIS A 1 20 ? 1.970   -0.509  10.820  1.00 6.64  ? 20  HIS A O   1 
ATOM   135 C CB  . HIS A 1 20 ? 3.550   1.751   11.089  1.00 6.36  ? 20  HIS A CB  1 
ATOM   136 C CG  . HIS A 1 20 ? 4.581   2.798   10.813  1.00 6.61  ? 20  HIS A CG  1 
ATOM   137 N ND1 . HIS A 1 20 ? 5.876   2.493   10.469  1.00 8.08  ? 20  HIS A ND1 1 
ATOM   138 C CD2 . HIS A 1 20 ? 4.506   4.150   10.840  1.00 7.77  ? 20  HIS A CD2 1 
ATOM   139 C CE1 . HIS A 1 20 ? 6.557   3.611   10.291  1.00 7.24  ? 20  HIS A CE1 1 
ATOM   140 N NE2 . HIS A 1 20 ? 5.747   4.632   10.508  1.00 8.21  ? 20  HIS A NE2 1 
ATOM   141 N N   . VAL A 1 21 ? 0.534   0.412   9.361   1.00 5.58  ? 21  VAL A N   1 
ATOM   142 C CA  . VAL A 1 21 ? -0.332  -0.764  9.354   1.00 6.15  ? 21  VAL A CA  1 
ATOM   143 C C   . VAL A 1 21 ? 0.309   -1.832  8.473   1.00 5.69  ? 21  VAL A C   1 
ATOM   144 O O   . VAL A 1 21 ? 0.692   -1.530  7.329   1.00 5.13  ? 21  VAL A O   1 
ATOM   145 C CB  . VAL A 1 21 ? -1.722  -0.401  8.849   1.00 5.77  ? 21  VAL A CB  1 
ATOM   146 C CG1 . VAL A 1 21 ? -2.657  -1.601  8.957   1.00 6.29  ? 21  VAL A CG1 1 
ATOM   147 C CG2 . VAL A 1 21 ? -2.260  0.796   9.615   1.00 6.86  ? 21  VAL A CG2 1 
ATOM   148 N N   . PRO A 1 22 ? 0.486   -3.056  8.964   1.00 5.88  ? 22  PRO A N   1 
ATOM   149 C CA  . PRO A 1 22 ? 0.965   -4.126  8.083   1.00 6.66  ? 22  PRO A CA  1 
ATOM   150 C C   . PRO A 1 22 ? -0.049  -4.365  6.977   1.00 5.97  ? 22  PRO A C   1 
ATOM   151 O O   . PRO A 1 22 ? -1.255  -4.397  7.224   1.00 6.02  ? 22  PRO A O   1 
ATOM   152 C CB  . PRO A 1 22 ? 1.098   -5.337  9.017   1.00 7.57  ? 22  PRO A CB  1 
ATOM   153 C CG  . PRO A 1 22 ? 1.113   -4.777  10.388  1.00 7.14  ? 22  PRO A CG  1 
ATOM   154 C CD  . PRO A 1 22 ? 0.282   -3.526  10.343  1.00 7.11  ? 22  PRO A CD  1 
ATOM   155 N N   . VAL A 1 23 ? 0.448   -4.477  5.742   1.00 4.09  ? 23  VAL A N   1 
ATOM   156 C CA  . VAL A 1 23 ? -0.386  -4.719  4.571   1.00 4.12  ? 23  VAL A CA  1 
ATOM   157 C C   . VAL A 1 23 ? 0.167   -5.899  3.781   1.00 3.89  ? 23  VAL A C   1 
ATOM   158 O O   . VAL A 1 23 ? 1.349   -6.252  3.863   1.00 4.76  ? 23  VAL A O   1 
ATOM   159 C CB  . VAL A 1 23 ? -0.509  -3.489  3.639   1.00 3.61  ? 23  VAL A CB  1 
ATOM   160 C CG1 . VAL A 1 23 ? -1.173  -2.320  4.373   1.00 4.13  ? 23  VAL A CG1 1 
ATOM   161 C CG2 . VAL A 1 23 ? 0.850   -3.094  3.077   1.00 3.67  ? 23  VAL A CG2 1 
ATOM   162 N N   . SER A 1 24 ? -0.732  -6.526  3.035   1.00 3.65  ? 24  SER A N   1 
ATOM   163 C CA  . SER A 1 24 ? -0.396  -7.440  1.952   1.00 3.67  ? 24  SER A CA  1 
ATOM   164 C C   . SER A 1 24 ? -0.810  -6.763  0.657   1.00 3.67  ? 24  SER A C   1 
ATOM   165 O O   . SER A 1 24 ? -1.927  -6.248  0.560   1.00 4.16  ? 24  SER A O   1 
ATOM   166 C CB  . SER A 1 24 ? -1.182  -8.743  2.098   1.00 3.76  ? 24  SER A CB  1 
ATOM   167 O OG  . SER A 1 24 ? -0.930  -9.333  3.366   1.00 5.36  ? 24  SER A OG  1 
ATOM   168 N N   . ILE A 1 25 ? 0.097   -6.726  -0.316  1.00 3.27  ? 25  ILE A N   1 
ATOM   169 C CA  . ILE A 1 25 ? -0.175  -6.133  -1.624  1.00 3.73  ? 25  ILE A CA  1 
ATOM   170 C C   . ILE A 1 25 ? -0.117  -7.238  -2.668  1.00 3.68  ? 25  ILE A C   1 
ATOM   171 O O   . ILE A 1 25 ? 0.935   -7.856  -2.877  1.00 4.21  ? 25  ILE A O   1 
ATOM   172 C CB  . ILE A 1 25 ? 0.816   -5.015  -1.967  1.00 4.36  ? 25  ILE A CB  1 
ATOM   173 C CG1 . ILE A 1 25 ? 0.749   -3.910  -0.918  1.00 3.93  ? 25  ILE A CG1 1 
ATOM   174 C CG2 . ILE A 1 25 ? 0.509   -4.470  -3.364  1.00 3.44  ? 25  ILE A CG2 1 
ATOM   175 C CD1 . ILE A 1 25 ? 1.712   -2.797  -1.154  1.00 6.32  ? 25  ILE A CD1 1 
ATOM   176 N N   . TYR A 1 26 ? -1.239  -7.482  -3.328  1.00 3.54  ? 26  TYR A N   1 
ATOM   177 C CA  . TYR A 1 26 ? -1.354  -8.544  -4.315  1.00 4.09  ? 26  TYR A CA  1 
ATOM   178 C C   . TYR A 1 26 ? -1.111  -7.951  -5.696  1.00 4.30  ? 26  TYR A C   1 
ATOM   179 O O   . TYR A 1 26 ? -1.814  -7.028  -6.112  1.00 4.52  ? 26  TYR A O   1 
ATOM   180 C CB  . TYR A 1 26 ? -2.740  -9.179  -4.226  1.00 4.63  ? 26  TYR A CB  1 
ATOM   181 C CG  . TYR A 1 26 ? -2.934  -9.959  -2.960  1.00 5.63  ? 26  TYR A CG  1 
ATOM   182 C CD1 . TYR A 1 26 ? -3.342  -9.328  -1.796  1.00 3.96  ? 26  TYR A CD1 1 
ATOM   183 C CD2 . TYR A 1 26 ? -2.744  -11.328 -2.930  1.00 6.66  ? 26  TYR A CD2 1 
ATOM   184 C CE1 . TYR A 1 26 ? -3.522  -10.024 -0.627  1.00 5.00  ? 26  TYR A CE1 1 
ATOM   185 C CE2 . TYR A 1 26 ? -2.942  -12.044 -1.757  1.00 6.50  ? 26  TYR A CE2 1 
ATOM   186 C CZ  . TYR A 1 26 ? -3.329  -11.386 -0.612  1.00 7.07  ? 26  TYR A CZ  1 
ATOM   187 O OH  . TYR A 1 26 ? -3.511  -12.092 0.556   1.00 7.31  ? 26  TYR A OH  1 
ATOM   188 N N   . LEU A 1 27 ? -0.118  -8.480  -6.396  1.00 4.10  ? 27  LEU A N   1 
ATOM   189 C CA  . LEU A 1 27 ? 0.236   -7.964  -7.706  1.00 4.84  ? 27  LEU A CA  1 
ATOM   190 C C   . LEU A 1 27 ? -0.486  -8.732  -8.816  1.00 5.55  ? 27  LEU A C   1 
ATOM   191 O O   . LEU A 1 27 ? -0.991  -9.841  -8.624  1.00 5.19  ? 27  LEU A O   1 
ATOM   192 C CB  . LEU A 1 27 ? 1.750   -8.029  -7.898  1.00 5.42  ? 27  LEU A CB  1 
ATOM   193 C CG  . LEU A 1 27 ? 2.604   -7.307  -6.850  1.00 4.67  ? 27  LEU A CG  1 
ATOM   194 C CD1 . LEU A 1 27 ? 4.047   -7.428  -7.289  1.00 5.66  ? 27  LEU A CD1 1 
ATOM   195 C CD2 . LEU A 1 27 ? 2.214   -5.850  -6.669  1.00 4.48  ? 27  LEU A CD2 1 
ATOM   196 N N   . VAL A 1 28 ? -0.537  -8.110  -9.996  1.00 5.40  ? 28  VAL A N   1 
ATOM   197 C CA  . VAL A 1 28 ? -1.248  -8.687  -11.128 1.00 7.19  ? 28  VAL A CA  1 
ATOM   198 C C   . VAL A 1 28 ? -0.611  -9.978  -11.611 1.00 8.20  ? 28  VAL A C   1 
ATOM   199 O O   . VAL A 1 28 ? -1.253  -10.730 -12.354 1.00 10.74 ? 28  VAL A O   1 
ATOM   200 C CB  . VAL A 1 28 ? -1.347  -7.661  -12.279 1.00 5.42  ? 28  VAL A CB  1 
ATOM   201 C CG1 . VAL A 1 28 ? -2.145  -6.448  -11.834 1.00 4.90  ? 28  VAL A CG1 1 
ATOM   202 C CG2 . VAL A 1 28 ? 0.030   -7.249  -12.752 1.00 6.60  ? 28  VAL A CG2 1 
ATOM   203 N N   . ASN A 1 29 ? 0.624   -10.257 -11.192 1.00 6.73  ? 29  ASN A N   1 
ATOM   204 C CA  . ASN A 1 29 ? 1.331   -11.485 -11.539 1.00 7.83  ? 29  ASN A CA  1 
ATOM   205 C C   . ASN A 1 29 ? 1.237   -12.553 -10.455 1.00 7.90  ? 29  ASN A C   1 
ATOM   206 O O   . ASN A 1 29 ? 1.845   -13.618 -10.596 1.00 8.23  ? 29  ASN A O   1 
ATOM   207 C CB  . ASN A 1 29 ? 2.796   -11.181 -11.921 1.00 8.88  ? 29  ASN A CB  1 
ATOM   208 C CG  . ASN A 1 29 ? 3.567   -10.473 -10.819 1.00 8.00  ? 29  ASN A CG  1 
ATOM   209 O OD1 . ASN A 1 29 ? 3.118   -10.399 -9.676  1.00 8.02  ? 29  ASN A OD1 1 
ATOM   210 N ND2 . ASN A 1 29 ? 4.711   -9.900  -11.179 1.00 8.88  ? 29  ASN A ND2 1 
ATOM   211 N N   . GLY A 1 30 ? 0.486   -12.300 -9.384  1.00 7.57  ? 30  GLY A N   1 
ATOM   212 C CA  . GLY A 1 30 ? 0.270   -13.284 -8.344  1.00 7.64  ? 30  GLY A CA  1 
ATOM   213 C C   . GLY A 1 30 ? 1.193   -13.165 -7.151  1.00 6.64  ? 30  GLY A C   1 
ATOM   214 O O   . GLY A 1 30 ? 0.937   -13.799 -6.117  1.00 7.21  ? 30  GLY A O   1 
ATOM   215 N N   . ILE A 1 31 ? 2.254   -12.369 -7.257  1.00 6.15  ? 31  ILE A N   1 
ATOM   216 C CA  . ILE A 1 31 ? 3.093   -12.112 -6.100  1.00 6.29  ? 31  ILE A CA  1 
ATOM   217 C C   . ILE A 1 31 ? 2.269   -11.412 -5.037  1.00 5.20  ? 31  ILE A C   1 
ATOM   218 O O   . ILE A 1 31 ? 1.492   -10.496 -5.331  1.00 5.40  ? 31  ILE A O   1 
ATOM   219 C CB  . ILE A 1 31 ? 4.314   -11.261 -6.485  1.00 5.79  ? 31  ILE A CB  1 
ATOM   220 C CG1 . ILE A 1 31 ? 5.246   -12.008 -7.428  1.00 7.70  ? 31  ILE A CG1 1 
ATOM   221 C CG2 . ILE A 1 31 ? 5.080   -10.860 -5.274  1.00 5.28  ? 31  ILE A CG2 1 
ATOM   222 C CD1 . ILE A 1 31 ? 6.327   -11.109 -8.006  1.00 8.15  ? 31  ILE A CD1 1 
ATOM   223 N N   . LYS A 1 32 ? 2.438   -11.844 -3.796  1.00 5.22  ? 32  LYS A N   1 
ATOM   224 C CA  . LYS A 1 32 ? 1.920   -11.157 -2.623  1.00 5.89  ? 32  LYS A CA  1 
ATOM   225 C C   . LYS A 1 32 ? 3.097   -10.611 -1.822  1.00 5.19  ? 32  LYS A C   1 
ATOM   226 O O   . LYS A 1 32 ? 3.926   -11.381 -1.328  1.00 5.96  ? 32  LYS A O   1 
ATOM   227 C CB  . LYS A 1 32 ? 1.100   -12.118 -1.763  1.00 6.46  ? 32  LYS A CB  1 
ATOM   228 C CG  . LYS A 1 32 ? 0.529   -11.467 -0.512  1.00 7.38  ? 32  LYS A CG  1 
ATOM   229 C CD  . LYS A 1 32 ? -0.249  -12.465 0.322   1.00 8.73  ? 32  LYS A CD  1 
ATOM   230 C CE  . LYS A 1 32 ? 0.291   -12.597 1.731   1.00 8.89  ? 32  LYS A CE  1 
ATOM   231 N NZ  . LYS A 1 32 ? -0.497  -13.608 2.522   1.00 9.38  ? 32  LYS A NZ  1 
ATOM   232 N N   . LEU A 1 33 ? 3.161   -9.289  -1.686  1.00 3.96  ? 33  LEU A N   1 
ATOM   233 C CA  . LEU A 1 33 ? 4.192   -8.625  -0.911  1.00 4.27  ? 33  LEU A CA  1 
ATOM   234 C C   . LEU A 1 33 ? 3.615   -8.229  0.438   1.00 4.27  ? 33  LEU A C   1 
ATOM   235 O O   . LEU A 1 33 ? 2.434   -7.900  0.552   1.00 4.60  ? 33  LEU A O   1 
ATOM   236 C CB  . LEU A 1 33 ? 4.675   -7.359  -1.623  1.00 3.80  ? 33  LEU A CB  1 
ATOM   237 C CG  . LEU A 1 33 ? 5.181   -7.500  -3.057  1.00 4.47  ? 33  LEU A CG  1 
ATOM   238 C CD1 . LEU A 1 33 ? 5.440   -6.131  -3.688  1.00 4.28  ? 33  LEU A CD1 1 
ATOM   239 C CD2 . LEU A 1 33 ? 6.429   -8.353  -3.076  1.00 4.11  ? 33  LEU A CD2 1 
ATOM   240 N N   . GLN A 1 34 ? 4.455   -8.251  1.459   1.00 5.21  ? 34  GLN A N   1 
ATOM   241 C CA  . GLN A 1 34 ? 4.040   -7.850  2.790   1.00 4.94  ? 34  GLN A CA  1 
ATOM   242 C C   . GLN A 1 34 ? 5.029   -6.839  3.338   1.00 3.99  ? 34  GLN A C   1 
ATOM   243 O O   . GLN A 1 34 ? 6.231   -6.931  3.073   1.00 6.22  ? 34  GLN A O   1 
ATOM   244 C CB  . GLN A 1 34 ? 3.936   -9.061  3.711   1.00 7.24  ? 34  GLN A CB  1 
ATOM   245 C CG  . GLN A 1 34 ? 2.694   -9.885  3.421   1.00 8.17  ? 34  GLN A CG  1 
ATOM   246 C CD  . GLN A 1 34 ? 2.489   -11.022 4.398   1.00 10.25 ? 34  GLN A CD  1 
ATOM   247 O OE1 . GLN A 1 34 ? 1.384   -11.235 4.892   1.00 13.79 ? 34  GLN A OE1 1 
ATOM   248 N NE2 . GLN A 1 34 ? 3.551   -11.775 4.663   1.00 10.65 ? 34  GLN A NE2 1 
ATOM   249 N N   . GLY A 1 35 ? 4.523   -5.885  4.108   1.00 5.91  ? 35  GLY A N   1 
ATOM   250 C CA  . GLY A 1 35 ? 5.385   -4.868  4.685   1.00 6.55  ? 35  GLY A CA  1 
ATOM   251 C C   . GLY A 1 35 ? 4.567   -3.657  5.088   1.00 6.25  ? 35  GLY A C   1 
ATOM   252 O O   . GLY A 1 35 ? 3.369   -3.757  5.323   1.00 5.53  ? 35  GLY A O   1 
ATOM   253 N N   . GLN A 1 36 ? 5.243   -2.518  5.162   1.00 5.59  ? 36  GLN A N   1 
ATOM   254 C CA  A GLN A 1 36 ? 4.626   -1.263  5.564   0.48 6.49  ? 36  GLN A CA  1 
ATOM   255 C CA  B GLN A 1 36 ? 4.608   -1.269  5.551   0.52 6.80  ? 36  GLN A CA  1 
ATOM   256 C C   . GLN A 1 36 ? 4.745   -0.262  4.424   1.00 5.71  ? 36  GLN A C   1 
ATOM   257 O O   . GLN A 1 36 ? 5.769   -0.214  3.747   1.00 5.18  ? 36  GLN A O   1 
ATOM   258 C CB  A GLN A 1 36 ? 5.340   -0.725  6.815   0.48 8.32  ? 36  GLN A CB  1 
ATOM   259 C CB  B GLN A 1 36 ? 5.241   -0.711  6.823   0.52 7.90  ? 36  GLN A CB  1 
ATOM   260 C CG  A GLN A 1 36 ? 4.770   -1.226  8.144   0.48 8.79  ? 36  GLN A CG  1 
ATOM   261 C CG  B GLN A 1 36 ? 4.624   -1.237  8.098   0.52 8.76  ? 36  GLN A CG  1 
ATOM   262 C CD  A GLN A 1 36 ? 5.692   -0.942  9.327   0.48 9.55  ? 36  GLN A CD  1 
ATOM   263 C CD  B GLN A 1 36 ? 5.476   -2.284  8.763   0.52 9.57  ? 36  GLN A CD  1 
ATOM   264 O OE1 A GLN A 1 36 ? 6.243   0.153   9.447   0.48 9.88  ? 36  GLN A OE1 1 
ATOM   265 O OE1 B GLN A 1 36 ? 5.912   -3.236  8.116   0.52 10.07 ? 36  GLN A OE1 1 
ATOM   266 N NE2 A GLN A 1 36 ? 5.853   -1.925  10.209  0.48 11.56 ? 36  GLN A NE2 1 
ATOM   267 N NE2 B GLN A 1 36 ? 5.753   -2.101  10.055  0.52 11.59 ? 36  GLN A NE2 1 
ATOM   268 N N   . VAL A 1 37 ? 3.693   0.526   4.211   1.00 4.63  ? 37  VAL A N   1 
ATOM   269 C CA  . VAL A 1 37 ? 3.752   1.586   3.212   1.00 4.47  ? 37  VAL A CA  1 
ATOM   270 C C   . VAL A 1 37 ? 4.641   2.694   3.764   1.00 4.99  ? 37  VAL A C   1 
ATOM   271 O O   . VAL A 1 37 ? 4.257   3.408   4.694   1.00 4.53  ? 37  VAL A O   1 
ATOM   272 C CB  . VAL A 1 37 ? 2.361   2.111   2.849   1.00 5.50  ? 37  VAL A CB  1 
ATOM   273 C CG1 . VAL A 1 37 ? 2.474   3.333   1.938   1.00 5.93  ? 37  VAL A CG1 1 
ATOM   274 C CG2 . VAL A 1 37 ? 1.557   1.024   2.202   1.00 5.49  ? 37  VAL A CG2 1 
ATOM   275 N N   . GLU A 1 38 ? 5.837   2.823   3.209   1.00 5.47  ? 38  GLU A N   1 
ATOM   276 C CA  . GLU A 1 38 ? 6.754   3.873   3.632   1.00 6.47  ? 38  GLU A CA  1 
ATOM   277 C C   . GLU A 1 38 ? 6.361   5.226   3.052   1.00 7.19  ? 38  GLU A C   1 
ATOM   278 O O   . GLU A 1 38 ? 6.444   6.253   3.738   1.00 7.55  ? 38  GLU A O   1 
ATOM   279 C CB  . GLU A 1 38 ? 8.178   3.486   3.222   1.00 7.40  ? 38  GLU A CB  1 
ATOM   280 C CG  . GLU A 1 38 ? 9.231   4.563   3.424   1.00 10.36 ? 38  GLU A CG  1 
ATOM   281 C CD  . GLU A 1 38 ? 9.552   4.823   4.877   1.00 18.34 ? 38  GLU A CD  1 
ATOM   282 O OE1 . GLU A 1 38 ? 10.044  5.933   5.174   1.00 20.83 ? 38  GLU A OE1 1 
ATOM   283 O OE2 . GLU A 1 38 ? 9.340   3.924   5.717   1.00 19.38 ? 38  GLU A OE2 1 
ATOM   284 N N   . SER A 1 39 ? 5.921   5.238   1.800   1.00 5.94  ? 39  SER A N   1 
ATOM   285 C CA  . SER A 1 39 ? 5.581   6.459   1.085   1.00 6.99  ? 39  SER A CA  1 
ATOM   286 C C   . SER A 1 39 ? 4.958   6.043   -0.234  1.00 4.77  ? 39  SER A C   1 
ATOM   287 O O   . SER A 1 39 ? 4.989   4.871   -0.610  1.00 4.33  ? 39  SER A O   1 
ATOM   288 C CB  . SER A 1 39 ? 6.817   7.303   0.808   1.00 7.00  ? 39  SER A CB  1 
ATOM   289 O OG  . SER A 1 39 ? 7.793   6.541   0.135   1.00 7.45  ? 39  SER A OG  1 
ATOM   290 N N   . PHE A 1 40 ? 4.420   7.023   -0.949  1.00 4.00  ? 40  PHE A N   1 
ATOM   291 C CA  . PHE A 1 40 ? 3.771   6.746   -2.219  1.00 4.36  ? 40  PHE A CA  1 
ATOM   292 C C   . PHE A 1 40 ? 3.657   8.051   -2.988  1.00 3.93  ? 40  PHE A C   1 
ATOM   293 O O   . PHE A 1 40 ? 3.718   9.128   -2.409  1.00 4.53  ? 40  PHE A O   1 
ATOM   294 C CB  . PHE A 1 40 ? 2.394   6.124   -1.997  1.00 4.25  ? 40  PHE A CB  1 
ATOM   295 C CG  . PHE A 1 40 ? 1.450   7.013   -1.253  1.00 4.65  ? 40  PHE A CG  1 
ATOM   296 C CD1 . PHE A 1 40 ? 1.430   7.006   0.136   1.00 4.81  ? 40  PHE A CD1 1 
ATOM   297 C CD2 . PHE A 1 40 ? 0.580   7.850   -1.923  1.00 4.71  ? 40  PHE A CD2 1 
ATOM   298 C CE1 . PHE A 1 40 ? 0.568   7.826   0.844   1.00 6.59  ? 40  PHE A CE1 1 
ATOM   299 C CE2 . PHE A 1 40 ? -0.289  8.677   -1.212  1.00 7.12  ? 40  PHE A CE2 1 
ATOM   300 C CZ  . PHE A 1 40 ? -0.291  8.659   0.167   1.00 6.49  ? 40  PHE A CZ  1 
ATOM   301 N N   . ASP A 1 41 ? 3.502   7.946   -4.301  1.00 3.56  ? 41  ASP A N   1 
ATOM   302 C CA  . ASP A 1 41 ? 3.286   9.136   -5.119  1.00 4.07  ? 41  ASP A CA  1 
ATOM   303 C C   . ASP A 1 41 ? 2.213   8.821   -6.156  1.00 3.55  ? 41  ASP A C   1 
ATOM   304 O O   . ASP A 1 41 ? 1.407   7.905   -5.976  1.00 4.37  ? 41  ASP A O   1 
ATOM   305 C CB  . ASP A 1 41 ? 4.603   9.734   -5.650  1.00 4.30  ? 41  ASP A CB  1 
ATOM   306 C CG  . ASP A 1 41 ? 5.233   8.924   -6.778  1.00 3.93  ? 41  ASP A CG  1 
ATOM   307 O OD1 . ASP A 1 41 ? 4.678   7.881   -7.180  1.00 4.36  ? 41  ASP A OD1 1 
ATOM   308 O OD2 . ASP A 1 41 ? 6.301   9.365   -7.273  1.00 3.30  ? 41  ASP A OD2 1 
ATOM   309 N N   . GLN A 1 42 ? 2.184   9.601   -7.247  1.00 3.49  ? 42  GLN A N   1 
ATOM   310 C CA  . GLN A 1 42 ? 1.180   9.397   -8.287  1.00 4.26  ? 42  GLN A CA  1 
ATOM   311 C C   . GLN A 1 42 ? 1.202   7.973   -8.817  1.00 4.24  ? 42  GLN A C   1 
ATOM   312 O O   . GLN A 1 42 ? 0.151   7.398   -9.120  1.00 5.26  ? 42  GLN A O   1 
ATOM   313 C CB  . GLN A 1 42 ? 1.407   10.387  -9.426  1.00 4.68  ? 42  GLN A CB  1 
ATOM   314 C CG  . GLN A 1 42 ? 0.350   10.328  -10.521 1.00 5.89  ? 42  GLN A CG  1 
ATOM   315 C CD  . GLN A 1 42 ? 0.666   11.245  -11.695 1.00 6.78  ? 42  GLN A CD  1 
ATOM   316 O OE1 . GLN A 1 42 ? 1.718   11.882  -11.732 1.00 8.92  ? 42  GLN A OE1 1 
ATOM   317 N NE2 . GLN A 1 42 ? -0.263  11.328  -12.654 1.00 8.69  ? 42  GLN A NE2 1 
ATOM   318 N N   . TYR A 1 43 ? 2.390   7.378   -8.920  1.00 3.99  ? 43  TYR A N   1 
ATOM   319 C CA  . TYR A 1 43 ? 2.558   6.158   -9.688  1.00 3.97  ? 43  TYR A CA  1 
ATOM   320 C C   . TYR A 1 43 ? 3.107   4.970   -8.920  1.00 3.82  ? 43  TYR A C   1 
ATOM   321 O O   . TYR A 1 43 ? 2.943   3.845   -9.398  1.00 2.84  ? 43  TYR A O   1 
ATOM   322 C CB  . TYR A 1 43 ? 3.479   6.402   -10.895 1.00 4.88  ? 43  TYR A CB  1 
ATOM   323 C CG  . TYR A 1 43 ? 2.805   7.189   -11.977 1.00 5.68  ? 43  TYR A CG  1 
ATOM   324 C CD1 . TYR A 1 43 ? 1.659   6.707   -12.577 1.00 6.52  ? 43  TYR A CD1 1 
ATOM   325 C CD2 . TYR A 1 43 ? 3.303   8.411   -12.404 1.00 6.80  ? 43  TYR A CD2 1 
ATOM   326 C CE1 . TYR A 1 43 ? 1.017   7.411   -13.559 1.00 8.07  ? 43  TYR A CE1 1 
ATOM   327 C CE2 . TYR A 1 43 ? 2.662   9.127   -13.403 1.00 9.57  ? 43  TYR A CE2 1 
ATOM   328 C CZ  . TYR A 1 43 ? 1.516   8.614   -13.971 1.00 7.96  ? 43  TYR A CZ  1 
ATOM   329 O OH  . TYR A 1 43 ? 0.853   9.291   -14.966 1.00 8.94  ? 43  TYR A OH  1 
ATOM   330 N N   . VAL A 1 44 ? 3.793   5.181   -7.794  1.00 2.95  ? 44  VAL A N   1 
ATOM   331 C CA  . VAL A 1 44 ? 4.464   4.106   -7.074  1.00 2.64  ? 44  VAL A CA  1 
ATOM   332 C C   . VAL A 1 44 ? 4.105   4.136   -5.591  1.00 2.62  ? 44  VAL A C   1 
ATOM   333 O O   . VAL A 1 44 ? 3.722   5.167   -5.033  1.00 3.35  ? 44  VAL A O   1 
ATOM   334 C CB  . VAL A 1 44 ? 6.002   4.121   -7.256  1.00 3.37  ? 44  VAL A CB  1 
ATOM   335 C CG1 . VAL A 1 44 ? 6.356   4.150   -8.716  1.00 3.81  ? 44  VAL A CG1 1 
ATOM   336 C CG2 . VAL A 1 44 ? 6.637   5.303   -6.523  1.00 3.33  ? 44  VAL A CG2 1 
ATOM   337 N N   . VAL A 1 45 ? 4.229   2.968   -4.965  1.00 2.90  ? 45  VAL A N   1 
ATOM   338 C CA  . VAL A 1 45 ? 4.164   2.823   -3.517  1.00 3.43  ? 45  VAL A CA  1 
ATOM   339 C C   . VAL A 1 45 ? 5.506   2.252   -3.086  1.00 3.36  ? 45  VAL A C   1 
ATOM   340 O O   . VAL A 1 45 ? 5.959   1.249   -3.644  1.00 4.10  ? 45  VAL A O   1 
ATOM   341 C CB  . VAL A 1 45 ? 3.024   1.879   -3.078  1.00 4.24  ? 45  VAL A CB  1 
ATOM   342 C CG1 . VAL A 1 45 ? 3.056   1.680   -1.556  1.00 4.72  ? 45  VAL A CG1 1 
ATOM   343 C CG2 . VAL A 1 45 ? 1.676   2.400   -3.544  1.00 4.17  ? 45  VAL A CG2 1 
ATOM   344 N N   . LEU A 1 46 ? 6.160   2.900   -2.126  1.00 4.79  ? 46  LEU A N   1 
ATOM   345 C CA  . LEU A 1 46 ? 7.377   2.347   -1.547  1.00 4.39  ? 46  LEU A CA  1 
ATOM   346 C C   . LEU A 1 46 ? 6.978   1.472   -0.366  1.00 4.36  ? 46  LEU A C   1 
ATOM   347 O O   . LEU A 1 46 ? 6.337   1.943   0.571   1.00 5.12  ? 46  LEU A O   1 
ATOM   348 C CB  . LEU A 1 46 ? 8.336   3.459   -1.124  1.00 4.59  ? 46  LEU A CB  1 
ATOM   349 C CG  . LEU A 1 46 ? 8.919   4.396   -2.184  1.00 6.80  ? 46  LEU A CG  1 
ATOM   350 C CD1 . LEU A 1 46 ? 10.187  5.063   -1.691  1.00 9.39  ? 46  LEU A CD1 1 
ATOM   351 C CD2 . LEU A 1 46 ? 9.175   3.679   -3.497  1.00 7.07  ? 46  LEU A CD2 1 
ATOM   352 N N   . LEU A 1 47 ? 7.335   0.197   -0.423  1.00 3.56  ? 47  LEU A N   1 
ATOM   353 C CA  . LEU A 1 47 ? 6.900   -0.788  0.554   1.00 4.34  ? 47  LEU A CA  1 
ATOM   354 C C   . LEU A 1 47 ? 8.132   -1.297  1.281   1.00 4.57  ? 47  LEU A C   1 
ATOM   355 O O   . LEU A 1 47 ? 9.096   -1.729  0.642   1.00 5.28  ? 47  LEU A O   1 
ATOM   356 C CB  . LEU A 1 47 ? 6.189   -1.951  -0.144  1.00 4.12  ? 47  LEU A CB  1 
ATOM   357 C CG  . LEU A 1 47 ? 5.622   -2.999  0.818   1.00 5.06  ? 47  LEU A CG  1 
ATOM   358 C CD1 . LEU A 1 47 ? 4.394   -2.490  1.580   1.00 5.27  ? 47  LEU A CD1 1 
ATOM   359 C CD2 . LEU A 1 47 ? 5.283   -4.262  0.072   1.00 4.81  ? 47  LEU A CD2 1 
ATOM   360 N N   . LYS A 1 48 ? 8.104   -1.256  2.609   1.00 5.56  ? 48  LYS A N   1 
ATOM   361 C CA  . LYS A 1 48 ? 9.301   -1.517  3.394   1.00 6.16  ? 48  LYS A CA  1 
ATOM   362 C C   . LYS A 1 48 ? 9.151   -2.802  4.199   1.00 8.25  ? 48  LYS A C   1 
ATOM   363 O O   . LYS A 1 48 ? 8.151   -2.992  4.903   1.00 7.90  ? 48  LYS A O   1 
ATOM   364 C CB  . LYS A 1 48 ? 9.629   -0.336  4.309   1.00 8.07  ? 48  LYS A CB  1 
ATOM   365 C CG  . LYS A 1 48 ? 10.681  -0.640  5.360   1.00 12.21 ? 48  LYS A CG  1 
ATOM   366 C CD  . LYS A 1 48 ? 11.175  0.640   6.017   1.00 16.60 ? 48  LYS A CD  1 
ATOM   367 C CE  . LYS A 1 48 ? 12.476  0.402   6.769   1.00 21.05 ? 48  LYS A CE  1 
ATOM   368 N NZ  . LYS A 1 48 ? 12.604  1.292   7.954   1.00 30.79 ? 48  LYS A NZ  1 
ATOM   369 N N   . ASN A 1 49 ? 10.146  -3.679  4.071   1.00 8.89  ? 49  ASN A N   1 
ATOM   370 C CA  . ASN A 1 49 ? 10.267  -4.891  4.868   1.00 10.91 ? 49  ASN A CA  1 
ATOM   371 C C   . ASN A 1 49 ? 11.748  -5.026  5.239   1.00 11.01 ? 49  ASN A C   1 
ATOM   372 O O   . ASN A 1 49 ? 12.267  -4.209  6.000   1.00 12.80 ? 49  ASN A O   1 
ATOM   373 C CB  . ASN A 1 49 ? 9.752   -6.084  4.068   1.00 11.31 ? 49  ASN A CB  1 
ATOM   374 C CG  . ASN A 1 49 ? 9.297   -7.231  4.948   1.00 12.32 ? 49  ASN A CG  1 
ATOM   375 O OD1 . ASN A 1 49 ? 9.666   -7.314  6.115   1.00 16.31 ? 49  ASN A OD1 1 
ATOM   376 N ND2 . ASN A 1 49 ? 8.481   -8.126  4.385   1.00 12.98 ? 49  ASN A ND2 1 
ATOM   377 N N   . THR A 1 50 ? 12.457  -6.011  4.678   1.00 12.43 ? 50  THR A N   1 
ATOM   378 C CA  . THR A 1 50 ? 13.915  -6.048  4.834   1.00 12.83 ? 50  THR A CA  1 
ATOM   379 C C   . THR A 1 50 ? 14.593  -4.899  4.091   1.00 11.82 ? 50  THR A C   1 
ATOM   380 O O   . THR A 1 50 ? 15.553  -4.306  4.591   1.00 12.69 ? 50  THR A O   1 
ATOM   381 C CB  . THR A 1 50 ? 14.469  -7.404  4.387   1.00 14.18 ? 50  THR A CB  1 
ATOM   382 O OG1 . THR A 1 50 ? 13.802  -8.457  5.093   1.00 16.13 ? 50  THR A OG1 1 
ATOM   383 C CG2 . THR A 1 50 ? 15.973  -7.497  4.625   1.00 13.65 ? 50  THR A CG2 1 
ATOM   384 N N   . VAL A 1 51 ? 14.133  -4.595  2.884   1.00 9.55  ? 51  VAL A N   1 
ATOM   385 C CA  . VAL A 1 51 ? 14.497  -3.388  2.161   1.00 7.98  ? 51  VAL A CA  1 
ATOM   386 C C   . VAL A 1 51 ? 13.214  -2.662  1.777   1.00 6.46  ? 51  VAL A C   1 
ATOM   387 O O   . VAL A 1 51 ? 12.109  -3.120  2.059   1.00 7.63  ? 51  VAL A O   1 
ATOM   388 C CB  . VAL A 1 51 ? 15.349  -3.677  0.907   1.00 7.52  ? 51  VAL A CB  1 
ATOM   389 C CG1 . VAL A 1 51 ? 16.562  -4.500  1.270   1.00 8.05  ? 51  VAL A CG1 1 
ATOM   390 C CG2 . VAL A 1 51 ? 14.520  -4.390  -0.130  1.00 7.61  ? 51  VAL A CG2 1 
ATOM   391 N N   . THR A 1 52 ? 13.375  -1.521  1.127   1.00 5.67  ? 52  THR A N   1 
ATOM   392 C CA  . THR A 1 52 ? 12.255  -0.785  0.565   1.00 5.03  ? 52  THR A CA  1 
ATOM   393 C C   . THR A 1 52 ? 12.237  -1.077  -0.924  1.00 4.90  ? 52  THR A C   1 
ATOM   394 O O   . THR A 1 52 ? 13.247  -0.874  -1.603  1.00 5.62  ? 52  THR A O   1 
ATOM   395 C CB  . THR A 1 52 ? 12.430  0.723   0.792   1.00 7.59  ? 52  THR A CB  1 
ATOM   396 O OG1 . THR A 1 52 ? 12.417  1.000   2.202   1.00 7.77  ? 52  THR A OG1 1 
ATOM   397 C CG2 . THR A 1 52 ? 11.301  1.483   0.135   1.00 6.34  ? 52  THR A CG2 1 
ATOM   398 N N   . GLN A 1 53 ? 11.114  -1.581  -1.428  1.00 4.20  ? 53  GLN A N   1 
ATOM   399 C CA  . GLN A 1 53 ? 11.020  -1.804  -2.860  1.00 4.58  ? 53  GLN A CA  1 
ATOM   400 C C   . GLN A 1 53 ? 9.988   -0.852  -3.435  1.00 4.20  ? 53  GLN A C   1 
ATOM   401 O O   . GLN A 1 53 ? 9.084   -0.392  -2.739  1.00 4.09  ? 53  GLN A O   1 
ATOM   402 C CB  . GLN A 1 53 ? 10.597  -3.232  -3.211  1.00 5.09  ? 53  GLN A CB  1 
ATOM   403 C CG  . GLN A 1 53 ? 9.426   -3.795  -2.453  1.00 5.84  ? 53  GLN A CG  1 
ATOM   404 C CD  . GLN A 1 53 ? 9.279   -5.259  -2.731  1.00 5.97  ? 53  GLN A CD  1 
ATOM   405 O OE1 . GLN A 1 53 ? 8.784   -5.653  -3.783  1.00 5.06  ? 53  GLN A OE1 1 
ATOM   406 N NE2 . GLN A 1 53 ? 9.649   -6.083  -1.758  1.00 7.08  ? 53  GLN A NE2 1 
ATOM   407 N N   . MET A 1 54 ? 10.148  -0.542  -4.715  1.00 2.91  ? 54  MET A N   1 
ATOM   408 C CA  . MET A 1 54 ? 9.263   0.400   -5.390  1.00 3.36  ? 54  MET A CA  1 
ATOM   409 C C   . MET A 1 54 ? 8.258   -0.382  -6.225  1.00 2.92  ? 54  MET A C   1 
ATOM   410 O O   . MET A 1 54 ? 8.625   -0.998  -7.227  1.00 2.87  ? 54  MET A O   1 
ATOM   411 C CB  . MET A 1 54 ? 10.049  1.427   -6.199  1.00 4.19  ? 54  MET A CB  1 
ATOM   412 C CG  . MET A 1 54 ? 9.195   2.463   -6.904  1.00 4.37  ? 54  MET A CG  1 
ATOM   413 S SD  . MET A 1 54 ? 10.180  3.552   -7.953  1.00 5.08  ? 54  MET A SD  1 
ATOM   414 C CE  . MET A 1 54 ? 10.210  2.575   -9.447  1.00 7.99  ? 54  MET A CE  1 
ATOM   415 N N   . VAL A 1 55 ? 7.002   -0.385  -5.787  1.00 2.54  ? 55  VAL A N   1 
ATOM   416 C CA  . VAL A 1 55 ? 5.917   -1.111  -6.443  1.00 2.65  ? 55  VAL A CA  1 
ATOM   417 C C   . VAL A 1 55 ? 5.149   -0.121  -7.312  1.00 2.77  ? 55  VAL A C   1 
ATOM   418 O O   . VAL A 1 55 ? 4.659   0.897   -6.818  1.00 2.51  ? 55  VAL A O   1 
ATOM   419 C CB  . VAL A 1 55 ? 4.962   -1.729  -5.412  1.00 3.36  ? 55  VAL A CB  1 
ATOM   420 C CG1 . VAL A 1 55 ? 3.908   -2.589  -6.128  1.00 2.69  ? 55  VAL A CG1 1 
ATOM   421 C CG2 . VAL A 1 55 ? 5.723   -2.505  -4.353  1.00 2.89  ? 55  VAL A CG2 1 
ATOM   422 N N   . TYR A 1 56 ? 5.013   -0.422  -8.601  1.00 1.92  ? 56  TYR A N   1 
ATOM   423 C CA  . TYR A 1 56 ? 4.175   0.401   -9.468  1.00 2.18  ? 56  TYR A CA  1 
ATOM   424 C C   . TYR A 1 56 ? 2.702   0.118   -9.203  1.00 2.24  ? 56  TYR A C   1 
ATOM   425 O O   . TYR A 1 56 ? 2.282   -1.041  -9.175  1.00 2.73  ? 56  TYR A O   1 
ATOM   426 C CB  . TYR A 1 56 ? 4.492   0.128   -10.935 1.00 2.78  ? 56  TYR A CB  1 
ATOM   427 C CG  . TYR A 1 56 ? 5.704   0.886   -11.397 1.00 2.36  ? 56  TYR A CG  1 
ATOM   428 C CD1 . TYR A 1 56 ? 5.606   2.214   -11.770 1.00 2.72  ? 56  TYR A CD1 1 
ATOM   429 C CD2 . TYR A 1 56 ? 6.957   0.284   -11.446 1.00 3.53  ? 56  TYR A CD2 1 
ATOM   430 C CE1 . TYR A 1 56 ? 6.715   2.923   -12.177 1.00 3.60  ? 56  TYR A CE1 1 
ATOM   431 C CE2 . TYR A 1 56 ? 8.075   0.995   -11.850 1.00 3.81  ? 56  TYR A CE2 1 
ATOM   432 C CZ  . TYR A 1 56 ? 7.946   2.310   -12.220 1.00 4.04  ? 56  TYR A CZ  1 
ATOM   433 O OH  . TYR A 1 56 ? 9.034   3.040   -12.628 1.00 4.87  ? 56  TYR A OH  1 
ATOM   434 N N   . LYS A 1 57 ? 1.915   1.181   -9.044  1.00 2.47  ? 57  LYS A N   1 
ATOM   435 C CA  . LYS A 1 57 ? 0.489   1.005   -8.768  1.00 2.50  ? 57  LYS A CA  1 
ATOM   436 C C   . LYS A 1 57 ? -0.210  0.214   -9.876  1.00 2.61  ? 57  LYS A C   1 
ATOM   437 O O   . LYS A 1 57 ? -1.146  -0.551  -9.607  1.00 3.24  ? 57  LYS A O   1 
ATOM   438 C CB  . LYS A 1 57 ? -0.196  2.365   -8.583  1.00 3.10  ? 57  LYS A CB  1 
ATOM   439 C CG  . LYS A 1 57 ? 0.070   3.092   -7.271  1.00 3.09  ? 57  LYS A CG  1 
ATOM   440 C CD  . LYS A 1 57 ? -0.577  4.467   -7.333  1.00 3.82  ? 57  LYS A CD  1 
ATOM   441 C CE  . LYS A 1 57 ? -0.368  5.286   -6.076  1.00 4.20  ? 57  LYS A CE  1 
ATOM   442 N NZ  . LYS A 1 57 ? -1.114  6.578   -6.132  1.00 4.44  ? 57  LYS A NZ  1 
ATOM   443 N N   . HIS A 1 58 ? 0.202   0.410   -11.139 1.00 3.39  ? 58  HIS A N   1 
ATOM   444 C CA  . HIS A 1 58 ? -0.465  -0.274  -12.239 1.00 3.22  ? 58  HIS A CA  1 
ATOM   445 C C   . HIS A 1 58 ? -0.338  -1.782  -12.140 1.00 3.03  ? 58  HIS A C   1 
ATOM   446 O O   . HIS A 1 58 ? -1.056  -2.493  -12.849 1.00 3.77  ? 58  HIS A O   1 
ATOM   447 C CB  . HIS A 1 58 ? 0.072   0.172   -13.608 1.00 4.23  ? 58  HIS A CB  1 
ATOM   448 C CG  . HIS A 1 58 ? 1.539   -0.069  -13.798 1.00 4.54  ? 58  HIS A CG  1 
ATOM   449 N ND1 . HIS A 1 58 ? 2.432   0.955   -14.016 1.00 4.53  ? 58  HIS A ND1 1 
ATOM   450 C CD2 . HIS A 1 58 ? 2.272   -1.212  -13.789 1.00 3.81  ? 58  HIS A CD2 1 
ATOM   451 C CE1 . HIS A 1 58 ? 3.650   0.457   -14.142 1.00 3.33  ? 58  HIS A CE1 1 
ATOM   452 N NE2 . HIS A 1 58 ? 3.583   -0.855  -14.008 1.00 3.07  ? 58  HIS A NE2 1 
ATOM   453 N N   . ALA A 1 59 ? 0.558   -2.281  -11.297 1.00 2.90  ? 59  ALA A N   1 
ATOM   454 C CA  . ALA A 1 59 ? 0.733   -3.706  -11.098 1.00 3.64  ? 59  ALA A CA  1 
ATOM   455 C C   . ALA A 1 59 ? 0.061   -4.207  -9.832  1.00 3.45  ? 59  ALA A C   1 
ATOM   456 O O   . ALA A 1 59 ? 0.058   -5.416  -9.585  1.00 4.55  ? 59  ALA A O   1 
ATOM   457 C CB  . ALA A 1 59 ? 2.222   -4.056  -11.077 1.00 4.14  ? 59  ALA A CB  1 
ATOM   458 N N   . ILE A 1 60 ? -0.507  -3.312  -9.030  1.00 2.95  ? 60  ILE A N   1 
ATOM   459 C CA  . ILE A 1 60 ? -1.184  -3.697  -7.802  1.00 2.80  ? 60  ILE A CA  1 
ATOM   460 C C   . ILE A 1 60 ? -2.621  -4.053  -8.132  1.00 3.02  ? 60  ILE A C   1 
ATOM   461 O O   . ILE A 1 60 ? -3.295  -3.329  -8.874  1.00 2.90  ? 60  ILE A O   1 
ATOM   462 C CB  . ILE A 1 60 ? -1.136  -2.550  -6.783  1.00 2.98  ? 60  ILE A CB  1 
ATOM   463 C CG1 . ILE A 1 60 ? 0.322   -2.236  -6.424  1.00 2.79  ? 60  ILE A CG1 1 
ATOM   464 C CG2 . ILE A 1 60 ? -2.018  -2.872  -5.559  1.00 3.12  ? 60  ILE A CG2 1 
ATOM   465 C CD1 . ILE A 1 60 ? 0.481   -1.074  -5.524  1.00 2.96  ? 60  ILE A CD1 1 
ATOM   466 N N   . SER A 1 61 ? -3.097  -5.164  -7.580  1.00 3.15  ? 61  SER A N   1 
ATOM   467 C CA  . SER A 1 61 ? -4.511  -5.493  -7.694  1.00 3.69  ? 61  SER A CA  1 
ATOM   468 C C   . SER A 1 61 ? -5.307  -5.073  -6.458  1.00 2.84  ? 61  SER A C   1 
ATOM   469 O O   . SER A 1 61 ? -6.333  -4.397  -6.585  1.00 3.35  ? 61  SER A O   1 
ATOM   470 C CB  . SER A 1 61 ? -4.718  -6.968  -8.072  1.00 4.67  ? 61  SER A CB  1 
ATOM   471 O OG  . SER A 1 61 ? -4.412  -7.852  -7.024  1.00 5.70  ? 61  SER A OG  1 
ATOM   472 N N   . THR A 1 62 ? -4.824  -5.399  -5.259  1.00 3.26  ? 62  THR A N   1 
ATOM   473 C CA  . THR A 1 62 ? -5.489  -4.972  -4.041  1.00 2.81  ? 62  THR A CA  1 
ATOM   474 C C   . THR A 1 62 ? -4.482  -4.833  -2.908  1.00 3.00  ? 62  THR A C   1 
ATOM   475 O O   . THR A 1 62 ? -3.495  -5.569  -2.829  1.00 3.20  ? 62  THR A O   1 
ATOM   476 C CB  . THR A 1 62 ? -6.622  -5.944  -3.659  1.00 3.96  ? 62  THR A CB  1 
ATOM   477 O OG1 . THR A 1 62 ? -7.304  -5.461  -2.501  1.00 4.18  ? 62  THR A OG1 1 
ATOM   478 C CG2 . THR A 1 62 ? -6.107  -7.348  -3.425  1.00 3.78  ? 62  THR A CG2 1 
ATOM   479 N N   . VAL A 1 63 ? -4.745  -3.864  -2.043  1.00 2.76  ? 63  VAL A N   1 
ATOM   480 C CA  . VAL A 1 63 ? -3.986  -3.646  -0.816  1.00 3.36  ? 63  VAL A CA  1 
ATOM   481 C C   . VAL A 1 63 ? -4.868  -4.074  0.352   1.00 3.34  ? 63  VAL A C   1 
ATOM   482 O O   . VAL A 1 63 ? -5.922  -3.475  0.582   1.00 4.61  ? 63  VAL A O   1 
ATOM   483 C CB  . VAL A 1 63 ? -3.598  -2.171  -0.659  1.00 3.64  ? 63  VAL A CB  1 
ATOM   484 C CG1 . VAL A 1 63 ? -2.856  -1.964  0.653   1.00 4.98  ? 63  VAL A CG1 1 
ATOM   485 C CG2 . VAL A 1 63 ? -2.724  -1.711  -1.816  1.00 3.37  ? 63  VAL A CG2 1 
ATOM   486 N N   . VAL A 1 64 ? -4.430  -5.085  1.099   1.00 3.61  ? 64  VAL A N   1 
ATOM   487 C CA  . VAL A 1 64 ? -5.215  -5.675  2.178   1.00 4.12  ? 64  VAL A CA  1 
ATOM   488 C C   . VAL A 1 64 ? -4.543  -5.349  3.513   1.00 4.52  ? 64  VAL A C   1 
ATOM   489 O O   . VAL A 1 64 ? -3.483  -5.916  3.826   1.00 4.60  ? 64  VAL A O   1 
ATOM   490 C CB  . VAL A 1 64 ? -5.363  -7.190  2.000   1.00 4.73  ? 64  VAL A CB  1 
ATOM   491 C CG1 . VAL A 1 64 ? -6.317  -7.761  3.044   1.00 6.91  ? 64  VAL A CG1 1 
ATOM   492 C CG2 . VAL A 1 64 ? -5.816  -7.509  0.577   1.00 4.82  ? 64  VAL A CG2 1 
ATOM   493 N N   . PRO A 1 65 ? -5.126  -4.481  4.342   1.00 5.02  ? 65  PRO A N   1 
ATOM   494 C CA  . PRO A 1 65 ? -4.542  -4.214  5.662   1.00 5.41  ? 65  PRO A CA  1 
ATOM   495 C C   . PRO A 1 65 ? -4.762  -5.391  6.595   1.00 7.00  ? 65  PRO A C   1 
ATOM   496 O O   . PRO A 1 65 ? -5.715  -6.160  6.457   1.00 6.51  ? 65  PRO A O   1 
ATOM   497 C CB  . PRO A 1 65 ? -5.332  -2.994  6.154   1.00 5.70  ? 65  PRO A CB  1 
ATOM   498 C CG  . PRO A 1 65 ? -5.973  -2.417  4.893   1.00 6.36  ? 65  PRO A CG  1 
ATOM   499 C CD  . PRO A 1 65 ? -6.304  -3.643  4.103   1.00 4.91  ? 65  PRO A CD  1 
ATOM   500 N N   . ALA A 1 66 ? -3.853  -5.524  7.561   1.00 7.72  ? 66  ALA A N   1 
ATOM   501 C CA  . ALA A 1 66 ? -3.963  -6.571  8.567   1.00 9.01  ? 66  ALA A CA  1 
ATOM   502 C C   . ALA A 1 66 ? -5.121  -6.344  9.526   1.00 8.66  ? 66  ALA A C   1 
ATOM   503 O O   . ALA A 1 66 ? -5.502  -7.275  10.246  1.00 11.13 ? 66  ALA A O   1 
ATOM   504 C CB  . ALA A 1 66 ? -2.663  -6.660  9.359   1.00 8.94  ? 66  ALA A CB  1 
ATOM   505 N N   . ARG A 1 67 ? -5.701  -5.154  9.538   1.00 9.72  ? 67  ARG A N   1 
ATOM   506 C CA  . ARG A 1 67 ? -6.742  -4.823  10.494  1.00 12.31 ? 67  ARG A CA  1 
ATOM   507 C C   . ARG A 1 67 ? -7.705  -3.850  9.836   1.00 11.83 ? 67  ARG A C   1 
ATOM   508 O O   . ARG A 1 67 ? -7.395  -3.285  8.781   1.00 10.24 ? 67  ARG A O   1 
ATOM   509 C CB  . ARG A 1 67 ? -6.138  -4.235  11.779  1.00 14.87 ? 67  ARG A CB  1 
ATOM   510 C CG  . ARG A 1 67 ? -5.250  -3.022  11.568  1.00 13.84 ? 67  ARG A CG  1 
ATOM   511 C CD  . ARG A 1 67 ? -5.436  -2.028  12.686  1.00 15.16 ? 67  ARG A CD  1 
ATOM   512 N NE  . ARG A 1 67 ? -4.581  -0.854  12.566  1.00 13.05 ? 67  ARG A NE  1 
ATOM   513 C CZ  . ARG A 1 67 ? -5.036  0.374   12.347  1.00 12.91 ? 67  ARG A CZ  1 
ATOM   514 N NH1 . ARG A 1 67 ? -6.322  0.608   12.141  1.00 16.19 ? 67  ARG A NH1 1 
ATOM   515 N NH2 . ARG A 1 67 ? -4.182  1.392   12.345  1.00 12.06 ? 67  ARG A NH2 1 
ATOM   516 N N   . PRO A 1 68 ? -8.891  -3.656  10.409  1.00 12.08 ? 68  PRO A N   1 
ATOM   517 C CA  . PRO A 1 68 ? -9.804  -2.654  9.860   1.00 12.05 ? 68  PRO A CA  1 
ATOM   518 C C   . PRO A 1 68 ? -9.208  -1.255  9.925   1.00 13.54 ? 68  PRO A C   1 
ATOM   519 O O   . PRO A 1 68 ? -8.617  -0.851  10.928  1.00 14.85 ? 68  PRO A O   1 
ATOM   520 C CB  . PRO A 1 68 ? -11.041 -2.780  10.758  1.00 13.01 ? 68  PRO A CB  1 
ATOM   521 C CG  . PRO A 1 68 ? -10.986 -4.185  11.226  1.00 12.15 ? 68  PRO A CG  1 
ATOM   522 C CD  . PRO A 1 68 ? -9.532  -4.394  11.512  1.00 14.38 ? 68  PRO A CD  1 
ATOM   523 N N   . VAL A 1 69 ? -9.353  -0.522  8.828   1.00 16.10 ? 69  VAL A N   1 
ATOM   524 C CA  . VAL A 1 69 ? -8.928  0.869   8.741   1.00 18.45 ? 69  VAL A CA  1 
ATOM   525 C C   . VAL A 1 69 ? -10.089 1.647   8.143   1.00 21.29 ? 69  VAL A C   1 
ATOM   526 O O   . VAL A 1 69 ? -10.579 1.305   7.058   1.00 19.18 ? 69  VAL A O   1 
ATOM   527 C CB  . VAL A 1 69 ? -7.653  1.047   7.895   1.00 16.16 ? 69  VAL A CB  1 
ATOM   528 C CG1 . VAL A 1 69 ? -7.252  2.503   7.857   1.00 17.47 ? 69  VAL A CG1 1 
ATOM   529 C CG2 . VAL A 1 69 ? -6.512  0.209   8.449   1.00 14.30 ? 69  VAL A CG2 1 
ATOM   530 N N   . ASN A 1 70 ? -10.534 2.680   8.849   1.00 22.76 ? 70  ASN A N   1 
ATOM   531 C CA  . ASN A 1 70 ? -11.753 3.401   8.509   1.00 26.54 ? 70  ASN A CA  1 
ATOM   532 C C   . ASN A 1 70 ? -11.412 4.820   8.074   1.00 27.49 ? 70  ASN A C   1 
ATOM   533 O O   . ASN A 1 70 ? -10.803 5.580   8.834   1.00 27.11 ? 70  ASN A O   1 
ATOM   534 C CB  . ASN A 1 70 ? -12.711 3.390   9.694   1.00 26.83 ? 70  ASN A CB  1 
ATOM   535 C CG  . ASN A 1 70 ? -12.829 2.011   10.314  1.00 27.64 ? 70  ASN A CG  1 
ATOM   536 O OD1 . ASN A 1 70 ? -12.457 1.796   11.472  1.00 26.27 ? 70  ASN A OD1 1 
ATOM   537 N ND2 . ASN A 1 70 ? -13.342 1.059   9.535   1.00 25.57 ? 70  ASN A ND2 1 
ATOM   538 N N   . LEU A 1 71 ? -11.795 5.156   6.846   1.00 28.58 ? 71  LEU A N   1 
ATOM   539 C CA  . LEU A 1 71 ? -11.622 6.490   6.295   1.00 28.95 ? 71  LEU A CA  1 
ATOM   540 C C   . LEU A 1 71 ? -12.860 7.311   6.634   1.00 33.74 ? 71  LEU A C   1 
ATOM   541 O O   . LEU A 1 71 ? -13.986 6.798   6.607   1.00 32.52 ? 71  LEU A O   1 
ATOM   542 C CB  . LEU A 1 71 ? -11.481 6.400   4.781   1.00 25.12 ? 71  LEU A CB  1 
ATOM   543 C CG  . LEU A 1 71 ? -10.075 6.488   4.218   1.00 17.76 ? 71  LEU A CG  1 
ATOM   544 C CD1 . LEU A 1 71 ? -9.343  5.250   4.645   1.00 16.73 ? 71  LEU A CD1 1 
ATOM   545 C CD2 . LEU A 1 71 ? -10.158 6.562   2.692   1.00 14.55 ? 71  LEU A CD2 1 
HETATM 546 O O   . HOH B 2 .  ? 4.975   -5.378  8.396   1.00 14.28 ? 201 HOH A O   1 
HETATM 547 O O   . HOH B 2 .  ? -10.307 7.741   9.678   1.00 36.62 ? 202 HOH A O   1 
HETATM 548 O O   . HOH B 2 .  ? 10.864  3.859   7.540   1.00 46.80 ? 203 HOH A O   1 
HETATM 549 O O   . HOH B 2 .  ? 9.895   -5.639  7.814   1.00 20.07 ? 204 HOH A O   1 
HETATM 550 O O   . HOH B 2 .  ? -14.886 1.266   7.688   1.00 22.68 ? 205 HOH A O   1 
HETATM 551 O O   . HOH B 2 .  ? -12.709 1.788   5.919   1.00 21.19 ? 206 HOH A O   1 
HETATM 552 O O   . HOH B 2 .  ? 12.862  -9.811  3.216   1.00 21.59 ? 207 HOH A O   1 
HETATM 553 O O   . HOH B 2 .  ? -3.468  -14.508 1.204   1.00 11.47 ? 208 HOH A O   1 
HETATM 554 O O   . HOH B 2 .  ? 12.412  6.004   5.985   1.00 24.60 ? 209 HOH A O   1 
HETATM 555 O O   . HOH B 2 .  ? 1.611   0.510   6.157   1.00 5.36  ? 210 HOH A O   1 
HETATM 556 O O   . HOH B 2 .  ? 6.869   6.764   9.659   1.00 7.36  ? 211 HOH A O   1 
HETATM 557 O O   . HOH B 2 .  ? -17.851 12.403  -4.607  1.00 11.38 ? 212 HOH A O   1 
HETATM 558 O O   . HOH B 2 .  ? -1.245  8.807   -4.617  1.00 8.63  ? 213 HOH A O   1 
HETATM 559 O O   . HOH B 2 .  ? 7.732   6.909   5.866   1.00 17.87 ? 214 HOH A O   1 
HETATM 560 O O   . HOH B 2 .  ? 2.926   -1.184  13.123  1.00 11.88 ? 215 HOH A O   1 
HETATM 561 O O   . HOH B 2 .  ? 14.702  0.334   3.312   1.00 11.25 ? 216 HOH A O   1 
HETATM 562 O O   . HOH B 2 .  ? -6.106  -7.737  12.776  1.00 30.40 ? 217 HOH A O   1 
HETATM 563 O O   . HOH B 2 .  ? -1.256  0.744   13.589  1.00 11.95 ? 218 HOH A O   1 
HETATM 564 O O   . HOH B 2 .  ? 2.439   3.599   -14.162 1.00 9.12  ? 219 HOH A O   1 
HETATM 565 O O   . HOH B 2 .  ? 1.861   11.461  -16.131 1.00 11.96 ? 220 HOH A O   1 
HETATM 566 O O   . HOH B 2 .  ? 8.750   0.071   8.543   1.00 16.78 ? 221 HOH A O   1 
HETATM 567 O O   . HOH B 2 .  ? -7.077  3.576   11.810  1.00 20.01 ? 222 HOH A O   1 
HETATM 568 O O   . HOH B 2 .  ? -19.894 7.663   -3.877  1.00 9.20  ? 223 HOH A O   1 
HETATM 569 O O   . HOH B 2 .  ? 15.678  -0.413  -0.434  1.00 10.19 ? 224 HOH A O   1 
HETATM 570 O O   . HOH B 2 .  ? 1.557   3.071   -11.637 1.00 5.50  ? 225 HOH A O   1 
HETATM 571 O O   . HOH B 2 .  ? 4.901   3.567   7.357   1.00 8.44  ? 226 HOH A O   1 
HETATM 572 O O   . HOH B 2 .  ? -4.783  -10.985 2.733   1.00 11.92 ? 227 HOH A O   1 
HETATM 573 O O   . HOH B 2 .  ? -9.244  3.743   11.045  1.00 25.41 ? 228 HOH A O   1 
HETATM 574 O O   . HOH B 2 .  ? -6.640  -8.739  6.833   1.00 8.85  ? 229 HOH A O   1 
HETATM 575 O O   . HOH B 2 .  ? 4.213   11.761  -10.520 1.00 10.46 ? 230 HOH A O   1 
HETATM 576 O O   . HOH B 2 .  ? 7.683   -6.195  0.824   1.00 7.71  ? 231 HOH A O   1 
HETATM 577 O O   . HOH B 2 .  ? -2.115  7.490   -10.732 1.00 11.45 ? 232 HOH A O   1 
HETATM 578 O O   . HOH B 2 .  ? -15.269 9.168   -8.678  1.00 8.23  ? 233 HOH A O   1 
HETATM 579 O O   . HOH B 2 .  ? -0.188  -4.415  -14.698 1.00 12.10 ? 234 HOH A O   1 
HETATM 580 O O   . HOH B 2 .  ? -9.378  13.361  0.466   1.00 44.90 ? 235 HOH A O   1 
HETATM 581 O O   . HOH B 2 .  ? -1.862  -13.740 -5.707  1.00 11.80 ? 236 HOH A O   1 
HETATM 582 O O   . HOH B 2 .  ? -2.498  -8.088  5.370   1.00 8.21  ? 237 HOH A O   1 
HETATM 583 O O   . HOH B 2 .  ? 10.033  -4.667  0.907   1.00 7.09  ? 238 HOH A O   1 
HETATM 584 O O   . HOH B 2 .  ? 6.074   9.426   -10.107 1.00 8.97  ? 239 HOH A O   1 
HETATM 585 O O   . HOH B 2 .  ? 3.489   -12.744 1.134   1.00 10.32 ? 240 HOH A O   1 
HETATM 586 O O   . HOH B 2 .  ? 10.092  7.606   1.462   1.00 19.85 ? 241 HOH A O   1 
HETATM 587 O O   . HOH B 2 .  ? -2.867  11.629  -5.976  1.00 16.56 ? 242 HOH A O   1 
HETATM 588 O O   . HOH B 2 .  ? -13.758 12.590  0.010   1.00 19.47 ? 243 HOH A O   1 
HETATM 589 O O   . HOH B 2 .  ? -1.927  -1.939  12.721  1.00 11.68 ? 244 HOH A O   1 
HETATM 590 O O   . HOH B 2 .  ? 2.051   -7.643  6.292   1.00 9.38  ? 245 HOH A O   1 
HETATM 591 O O   . HOH B 2 .  ? -16.187 10.961  -1.495  1.00 12.94 ? 246 HOH A O   1 
HETATM 592 O O   . HOH B 2 .  ? -17.969 9.583   -7.490  1.00 12.05 ? 247 HOH A O   1 
HETATM 593 O O   . HOH B 2 .  ? -12.681 3.559   4.584   1.00 27.80 ? 248 HOH A O   1 
HETATM 594 O O   . HOH B 2 .  ? -3.434  11.268  11.893  1.00 20.80 ? 249 HOH A O   1 
HETATM 595 O O   . HOH B 2 .  ? -3.252  6.910   -8.523  1.00 11.66 ? 250 HOH A O   1 
HETATM 596 O O   . HOH B 2 .  ? -6.886  10.128  -3.655  1.00 8.46  ? 251 HOH A O   1 
HETATM 597 O O   . HOH B 2 .  ? 2.467   13.014  -14.362 1.00 11.09 ? 252 HOH A O   1 
HETATM 598 O O   . HOH B 2 .  ? -2.687  9.629   -12.484 1.00 12.37 ? 253 HOH A O   1 
HETATM 599 O O   . HOH B 2 .  ? -5.925  9.805   5.937   1.00 10.48 ? 254 HOH A O   1 
HETATM 600 O O   . HOH B 2 .  ? -8.532  -1.558  13.842  1.00 14.90 ? 255 HOH A O   1 
HETATM 601 O O   . HOH B 2 .  ? 2.158   -14.353 3.993   1.00 12.84 ? 256 HOH A O   1 
HETATM 602 O O   . HOH B 2 .  ? 4.400   -14.025 -3.119  1.00 8.06  ? 257 HOH A O   1 
HETATM 603 O O   . HOH B 2 .  ? -11.164 10.899  -7.190  1.00 4.26  ? 258 HOH A O   1 
HETATM 604 O O   . HOH B 2 .  ? -17.918 6.425   -2.506  1.00 8.24  ? 259 HOH A O   1 
HETATM 605 O O   . HOH B 2 .  ? -7.676  -9.284  9.602   1.00 21.40 ? 260 HOH A O   1 
HETATM 606 O O   . HOH B 2 .  ? 7.743   -3.387  12.082  1.00 19.30 ? 261 HOH A O   1 
HETATM 607 O O   . HOH B 2 .  ? -8.697  5.980   10.997  1.00 26.92 ? 262 HOH A O   1 
HETATM 608 O O   . HOH B 2 .  ? -12.178 16.374  -2.698  1.00 11.34 ? 263 HOH A O   1 
HETATM 609 O O   . HOH B 2 .  ? 0.112   -12.679 7.266   1.00 14.56 ? 264 HOH A O   1 
HETATM 610 O O   . HOH B 2 .  ? -1.001  -13.641 -13.291 1.00 24.14 ? 265 HOH A O   1 
HETATM 611 O O   . HOH B 2 .  ? 7.227   2.162   7.089   1.00 12.36 ? 266 HOH A O   1 
HETATM 612 O O   . HOH B 2 .  ? -4.874  12.313  2.033   1.00 9.87  ? 267 HOH A O   1 
HETATM 613 O O   . HOH B 2 .  ? -0.981  -14.565 -3.652  1.00 45.53 ? 268 HOH A O   1 
HETATM 614 O O   . HOH B 2 .  ? -2.931  -1.506  -15.278 1.00 14.19 ? 269 HOH A O   1 
HETATM 615 O O   . HOH B 2 .  ? 9.136   -2.087  10.383  1.00 25.21 ? 270 HOH A O   1 
HETATM 616 O O   . HOH B 2 .  ? -2.409  8.330   11.715  1.00 14.11 ? 271 HOH A O   1 
HETATM 617 O O   . HOH B 2 .  ? -19.261 8.382   -2.071  1.00 18.04 ? 272 HOH A O   1 
HETATM 618 O O   . HOH B 2 .  ? 7.676   -11.478 4.563   1.00 19.44 ? 273 HOH A O   1 
HETATM 619 O O   . HOH B 2 .  ? 12.135  -6.968  1.340   1.00 6.95  ? 274 HOH A O   1 
HETATM 620 O O   . HOH B 2 .  ? 1.351   8.337   14.185  1.00 13.55 ? 275 HOH A O   1 
HETATM 621 O O   . HOH B 2 .  ? 2.489   13.042  2.732   1.00 17.65 ? 276 HOH A O   1 
HETATM 622 O O   . HOH B 2 .  ? -0.233  13.628  3.967   1.00 22.60 ? 277 HOH A O   1 
HETATM 623 O O   . HOH B 2 .  ? 9.349   2.309   9.693   1.00 20.30 ? 278 HOH A O   1 
HETATM 624 O O   . HOH B 2 .  ? -8.920  -8.057  11.185  1.00 15.90 ? 279 HOH A O   1 
HETATM 625 O O   . HOH B 2 .  ? 6.193   10.389  3.326   1.00 38.84 ? 280 HOH A O   1 
HETATM 626 O O   . HOH B 2 .  ? 4.576   -7.282  7.469   1.00 22.31 ? 281 HOH A O   1 
HETATM 627 O O   . HOH B 2 .  ? -1.870  3.318   -11.937 1.00 11.68 ? 282 HOH A O   1 
HETATM 628 O O   . HOH B 2 .  ? 3.356   -14.724 -13.805 1.00 16.44 ? 283 HOH A O   1 
HETATM 629 O O   . HOH B 2 .  ? -3.029  -9.862  9.034   1.00 31.80 ? 284 HOH A O   1 
HETATM 630 O O   . HOH B 2 .  ? -2.866  9.808   -7.265  1.00 12.95 ? 285 HOH A O   1 
HETATM 631 O O   . HOH B 2 .  ? -0.812  -8.230  7.114   1.00 11.99 ? 286 HOH A O   1 
HETATM 632 O O   . HOH B 2 .  ? -0.362  3.575   -15.145 1.00 13.84 ? 287 HOH A O   1 
HETATM 633 O O   . HOH B 2 .  ? 0.459   1.387   -17.466 1.00 17.63 ? 288 HOH A O   1 
HETATM 634 O O   . HOH B 2 .  ? 4.446   4.282   -15.107 1.00 13.08 ? 289 HOH A O   1 
HETATM 635 O O   . HOH B 2 .  ? 1.079   -9.052  8.446   1.00 18.15 ? 290 HOH A O   1 
HETATM 636 O O   . HOH B 2 .  ? -4.736  -10.225 6.169   1.00 12.86 ? 291 HOH A O   1 
HETATM 637 O O   . HOH B 2 .  ? -15.156 11.409  1.053   1.00 26.46 ? 292 HOH A O   1 
HETATM 638 O O   . HOH B 2 .  ? -15.762 8.294   3.016   1.00 31.77 ? 293 HOH A O   1 
HETATM 639 O O   . HOH B 2 .  ? -2.219  6.455   -12.592 1.00 15.97 ? 294 HOH A O   1 
HETATM 640 O O   . HOH B 2 .  ? -4.694  -6.659  14.456  1.00 32.19 ? 295 HOH A O   1 
HETATM 641 O O   . HOH B 2 .  ? 15.630  -10.049 1.475   1.00 22.93 ? 296 HOH A O   1 
HETATM 642 O O   . HOH B 2 .  ? -0.848  -10.112 8.479   1.00 20.41 ? 297 HOH A O   1 
HETATM 643 O O   . HOH B 2 .  ? -8.308  9.190   9.855   1.00 42.55 ? 298 HOH A O   1 
HETATM 644 O O   . HOH B 2 .  ? 8.267   10.323  2.574   1.00 24.12 ? 299 HOH A O   1 
HETATM 645 O O   . HOH B 2 .  ? -2.329  -4.802  12.721  1.00 12.71 ? 300 HOH A O   1 
HETATM 646 O O   . HOH B 2 .  ? -8.119  -3.645  14.967  1.00 34.40 ? 301 HOH A O   1 
HETATM 647 O O   . HOH B 2 .  ? -5.733  12.203  4.893   1.00 12.14 ? 302 HOH A O   1 
HETATM 648 O O   . HOH B 2 .  ? 6.270   12.645  -12.427 1.00 42.73 ? 303 HOH A O   1 
HETATM 649 O O   . HOH B 2 .  ? -10.534 15.717  -0.325  1.00 13.28 ? 304 HOH A O   1 
HETATM 650 O O   . HOH B 2 .  ? 6.818   11.100  1.157   1.00 17.89 ? 305 HOH A O   1 
HETATM 651 O O   . HOH B 2 .  ? 14.310  -8.324  -0.271  1.00 14.72 ? 306 HOH A O   1 
HETATM 652 O O   . HOH B 2 .  ? -12.891 12.499  2.586   1.00 42.79 ? 307 HOH A O   1 
HETATM 653 O O   . HOH B 2 .  ? 11.676  -12.985 6.158   1.00 33.41 ? 308 HOH A O   1 
HETATM 654 O O   . HOH B 2 .  ? -13.589 10.389  2.915   1.00 38.90 ? 309 HOH A O   1 
HETATM 655 O O   . HOH B 2 .  ? -6.780  -5.370  15.134  1.00 36.57 ? 310 HOH A O   1 
HETATM 656 O O   . HOH B 2 .  ? -10.479 -6.064  14.986  1.00 31.22 ? 311 HOH A O   1 
# 
